data_4DNS
#
_entry.id   4DNS
#
_cell.length_a   86.043
_cell.length_b   86.043
_cell.length_c   309.432
_cell.angle_alpha   90.00
_cell.angle_beta   90.00
_cell.angle_gamma   90.00
#
_symmetry.space_group_name_H-M   'P 43 21 2'
#
loop_
_entity.id
_entity.type
_entity.pdbx_description
1 polymer 'FAD-linked oxidoreductase BG60'
2 branched 2-acetamido-2-deoxy-beta-D-glucopyranose-(1-4)-2-acetamido-2-deoxy-beta-D-glucopyranose
3 non-polymer 'FLAVIN-ADENINE DINUCLEOTIDE'
4 non-polymer 2-acetamido-2-deoxy-beta-D-glucopyranose
5 water water
#
_entity_poly.entity_id   1
_entity_poly.type   'polypeptide(L)'
_entity_poly.pdbx_seq_one_letter_code
;APPPYAKQVERDFLTCLTKDIPPRQLYAKSSPAYASVWSSTVRNIKFLSDKTVKPLYIITPTNASHIQAAVVCGRRHGMR
IRVRSGGHDYEGLSYRSEKPEPFAVVDMNKMRAVSIDGKAATAWVDSGAQLGDLYYGIAKASPKLGFPAGVCTTIGVGGH
FSGGGFGMLLRKYGTAADNVIDAKVVDAQGRLLDRKAMGEDHFWAIRGGGGESFGIVASWQVKLLPVPPKVTVFQVHKGI
KEGAIDLVTKWQTVAPALPDDLMIRIMAMGQGAMFEALYLGTCKDLVLLMTARFPELGMNATHCKEMTWIESVPYIPMGP
KGTVRDLLNRTSNIKAFGKYKSDYVLEPIPKSDWEKIFTWLVKPGAGVMIMDPYGGGIASVPESATPFPRRSGVLFNIQY
VVYWFGEGAAALPTQWTRDIYDFMTPYVSKNPRQAYVNYRDLDLGVNQVVGNVSTYASGKVWGEKYFKGNFERLARTKGK
IDPEDYFRNEQSIPPLL
;
_entity_poly.pdbx_strand_id   A,B
#
loop_
_chem_comp.id
_chem_comp.type
_chem_comp.name
_chem_comp.formula
FAD non-polymer 'FLAVIN-ADENINE DINUCLEOTIDE' 'C27 H33 N9 O15 P2'
NAG D-saccharide, beta linking 2-acetamido-2-deoxy-beta-D-glucopyranose 'C8 H15 N O6'
#
# COMPACT_ATOMS: atom_id res chain seq x y z
N ASP A 12 -24.56 -1.91 -42.47
CA ASP A 12 -24.43 -3.27 -41.87
C ASP A 12 -24.01 -3.20 -40.41
N PHE A 13 -22.99 -2.38 -40.13
CA PHE A 13 -22.47 -2.17 -38.78
C PHE A 13 -23.48 -1.37 -37.98
N LEU A 14 -24.05 -0.34 -38.61
CA LEU A 14 -25.03 0.55 -37.98
C LEU A 14 -26.36 -0.15 -37.64
N THR A 15 -26.81 -1.02 -38.54
CA THR A 15 -28.06 -1.76 -38.33
C THR A 15 -27.89 -2.79 -37.23
N CYS A 16 -26.68 -3.32 -37.11
CA CYS A 16 -26.31 -4.29 -36.08
C CYS A 16 -26.34 -3.62 -34.68
N LEU A 17 -25.97 -2.35 -34.63
CA LEU A 17 -25.93 -1.56 -33.39
C LEU A 17 -27.32 -1.19 -32.87
N THR A 18 -28.21 -0.80 -33.78
CA THR A 18 -29.58 -0.38 -33.45
C THR A 18 -30.42 -1.45 -32.76
N LYS A 19 -29.98 -2.69 -32.86
CA LYS A 19 -30.64 -3.84 -32.25
C LYS A 19 -30.54 -3.76 -30.72
N ASP A 20 -29.44 -3.16 -30.24
CA ASP A 20 -29.21 -3.03 -28.81
C ASP A 20 -29.03 -1.60 -28.31
N ILE A 21 -28.55 -0.71 -29.17
CA ILE A 21 -28.30 0.69 -28.83
C ILE A 21 -29.30 1.65 -29.50
N PRO A 22 -29.96 2.53 -28.71
CA PRO A 22 -30.93 3.50 -29.25
C PRO A 22 -30.28 4.40 -30.32
N PRO A 23 -30.93 4.58 -31.49
CA PRO A 23 -30.38 5.42 -32.56
C PRO A 23 -29.99 6.86 -32.20
N ARG A 24 -30.57 7.40 -31.11
CA ARG A 24 -30.25 8.75 -30.64
C ARG A 24 -28.89 8.82 -29.92
N GLN A 25 -28.30 7.66 -29.67
CA GLN A 25 -26.99 7.54 -29.02
C GLN A 25 -25.92 7.14 -30.07
N LEU A 26 -26.33 7.14 -31.33
CA LEU A 26 -25.48 6.78 -32.48
C LEU A 26 -25.35 7.97 -33.41
N TYR A 27 -24.12 8.28 -33.81
CA TYR A 27 -23.86 9.41 -34.70
C TYR A 27 -22.98 9.01 -35.88
N ALA A 28 -23.51 9.20 -37.09
CA ALA A 28 -22.80 8.90 -38.33
C ALA A 28 -22.24 10.24 -38.81
N LYS A 29 -21.41 10.24 -39.85
CA LYS A 29 -20.83 11.49 -40.37
C LYS A 29 -21.87 12.49 -40.89
N SER A 30 -23.04 11.96 -41.28
CA SER A 30 -24.16 12.75 -41.81
C SER A 30 -25.12 13.30 -40.76
N SER A 31 -24.93 12.92 -39.49
CA SER A 31 -25.77 13.36 -38.38
C SER A 31 -25.54 14.84 -38.06
N PRO A 32 -26.61 15.58 -37.69
CA PRO A 32 -26.48 17.01 -37.37
C PRO A 32 -25.62 17.31 -36.15
N ALA A 33 -25.59 16.36 -35.21
CA ALA A 33 -24.84 16.50 -33.97
C ALA A 33 -23.45 15.87 -34.00
N TYR A 34 -23.05 15.29 -35.14
CA TYR A 34 -21.73 14.64 -35.29
C TYR A 34 -20.54 15.55 -34.96
N ALA A 35 -20.50 16.70 -35.63
CA ALA A 35 -19.44 17.70 -35.47
C ALA A 35 -19.28 18.14 -34.03
N SER A 36 -20.41 18.40 -33.38
CA SER A 36 -20.48 18.83 -31.98
C SER A 36 -20.01 17.73 -31.02
N VAL A 37 -20.42 16.49 -31.28
CA VAL A 37 -20.05 15.35 -30.43
C VAL A 37 -18.57 14.98 -30.58
N TRP A 38 -18.03 15.05 -31.80
CA TRP A 38 -16.62 14.74 -32.05
C TRP A 38 -15.70 15.79 -31.41
N SER A 39 -15.94 17.06 -31.74
CA SER A 39 -15.14 18.18 -31.27
C SER A 39 -15.20 18.53 -29.79
N SER A 40 -16.28 18.14 -29.11
CA SER A 40 -16.49 18.43 -27.67
C SER A 40 -15.33 18.14 -26.72
N THR A 41 -14.74 16.95 -26.85
CA THR A 41 -13.62 16.56 -26.00
C THR A 41 -12.25 16.45 -26.70
N VAL A 42 -12.09 17.15 -27.83
CA VAL A 42 -10.81 17.18 -28.54
C VAL A 42 -10.03 18.28 -27.81
N ARG A 43 -9.17 17.86 -26.89
CA ARG A 43 -8.39 18.78 -26.06
C ARG A 43 -7.19 19.44 -26.72
N ASN A 44 -6.47 18.69 -27.57
CA ASN A 44 -5.34 19.25 -28.28
C ASN A 44 -5.89 19.72 -29.62
N ILE A 45 -6.13 21.03 -29.69
CA ILE A 45 -6.71 21.74 -30.85
C ILE A 45 -6.00 21.59 -32.19
N LYS A 46 -4.75 21.11 -32.20
CA LYS A 46 -4.03 20.92 -33.45
C LYS A 46 -4.64 19.81 -34.30
N PHE A 47 -5.57 19.08 -33.68
CA PHE A 47 -6.30 17.99 -34.32
C PHE A 47 -7.71 18.38 -34.77
N LEU A 48 -8.08 19.65 -34.53
CA LEU A 48 -9.38 20.20 -34.97
C LEU A 48 -9.17 20.74 -36.39
N SER A 49 -8.69 19.86 -37.27
CA SER A 49 -8.38 20.22 -38.65
C SER A 49 -9.12 19.30 -39.63
N ASP A 50 -9.11 19.69 -40.91
CA ASP A 50 -9.79 18.92 -41.98
C ASP A 50 -8.93 17.72 -42.40
N LYS A 51 -7.63 17.82 -42.14
CA LYS A 51 -6.65 16.78 -42.45
C LYS A 51 -6.78 15.56 -41.52
N THR A 52 -7.33 15.77 -40.33
CA THR A 52 -7.55 14.73 -39.32
C THR A 52 -8.50 13.62 -39.77
N VAL A 53 -8.07 12.37 -39.65
CA VAL A 53 -8.89 11.21 -40.01
C VAL A 53 -9.90 10.99 -38.88
N LYS A 54 -11.15 11.28 -39.20
CA LYS A 54 -12.28 11.19 -38.28
C LYS A 54 -13.01 9.84 -38.34
N PRO A 55 -13.66 9.43 -37.22
CA PRO A 55 -14.38 8.15 -37.22
C PRO A 55 -15.64 8.20 -38.08
N LEU A 56 -16.00 7.05 -38.64
CA LEU A 56 -17.20 6.96 -39.47
C LEU A 56 -18.44 7.01 -38.59
N TYR A 57 -18.32 6.46 -37.38
CA TYR A 57 -19.41 6.42 -36.40
C TYR A 57 -18.96 6.76 -34.97
N ILE A 58 -19.83 7.42 -34.19
CA ILE A 58 -19.56 7.75 -32.79
C ILE A 58 -20.72 7.14 -31.98
N ILE A 59 -20.36 6.36 -30.98
CA ILE A 59 -21.32 5.67 -30.12
C ILE A 59 -21.17 6.23 -28.71
N THR A 60 -22.29 6.66 -28.10
CA THR A 60 -22.28 7.18 -26.72
C THR A 60 -23.12 6.22 -25.85
N PRO A 61 -22.49 5.18 -25.28
CA PRO A 61 -23.20 4.20 -24.42
C PRO A 61 -23.64 4.75 -23.07
N THR A 62 -24.69 4.14 -22.51
CA THR A 62 -25.22 4.50 -21.20
C THR A 62 -25.32 3.25 -20.34
N ASN A 63 -25.02 2.10 -20.95
CA ASN A 63 -25.08 0.80 -20.30
C ASN A 63 -23.93 -0.05 -20.85
N ALA A 64 -23.50 -1.04 -20.06
CA ALA A 64 -22.39 -1.93 -20.45
C ALA A 64 -22.75 -2.82 -21.64
N SER A 65 -24.05 -3.11 -21.79
CA SER A 65 -24.55 -3.93 -22.89
C SER A 65 -24.36 -3.26 -24.26
N HIS A 66 -24.32 -1.92 -24.25
CA HIS A 66 -24.14 -1.12 -25.46
C HIS A 66 -22.69 -1.20 -25.95
N ILE A 67 -21.76 -1.29 -25.00
CA ILE A 67 -20.35 -1.41 -25.30
C ILE A 67 -20.10 -2.82 -25.84
N GLN A 68 -20.73 -3.81 -25.19
CA GLN A 68 -20.63 -5.22 -25.58
C GLN A 68 -21.16 -5.44 -27.00
N ALA A 69 -22.29 -4.79 -27.29
CA ALA A 69 -22.94 -4.86 -28.60
C ALA A 69 -22.03 -4.25 -29.65
N ALA A 70 -21.40 -3.12 -29.31
CA ALA A 70 -20.49 -2.41 -30.21
C ALA A 70 -19.28 -3.25 -30.62
N VAL A 71 -18.73 -4.01 -29.67
CA VAL A 71 -17.58 -4.87 -29.90
C VAL A 71 -17.94 -6.08 -30.78
N VAL A 72 -19.08 -6.72 -30.48
CA VAL A 72 -19.58 -7.88 -31.25
C VAL A 72 -19.90 -7.45 -32.68
N CYS A 73 -20.50 -6.27 -32.82
CA CYS A 73 -20.86 -5.70 -34.13
C CYS A 73 -19.61 -5.34 -34.92
N GLY A 74 -18.59 -4.88 -34.19
CA GLY A 74 -17.31 -4.50 -34.80
C GLY A 74 -16.51 -5.66 -35.35
N ARG A 75 -16.54 -6.79 -34.63
CA ARG A 75 -15.83 -8.03 -35.01
C ARG A 75 -16.45 -8.63 -36.27
N ARG A 76 -17.78 -8.68 -36.28
CA ARG A 76 -18.56 -9.24 -37.39
C ARG A 76 -18.49 -8.46 -38.68
N HIS A 77 -18.43 -7.13 -38.57
CA HIS A 77 -18.42 -6.25 -39.72
C HIS A 77 -17.11 -5.54 -40.04
N GLY A 78 -16.03 -6.02 -39.42
CA GLY A 78 -14.70 -5.47 -39.64
C GLY A 78 -14.51 -4.00 -39.31
N MET A 79 -15.09 -3.56 -38.19
CA MET A 79 -14.98 -2.17 -37.78
C MET A 79 -14.23 -2.09 -36.45
N ARG A 80 -13.05 -1.46 -36.48
CA ARG A 80 -12.25 -1.28 -35.27
C ARG A 80 -12.80 -0.17 -34.40
N ILE A 81 -12.51 -0.24 -33.12
CA ILE A 81 -13.00 0.73 -32.15
C ILE A 81 -11.89 1.43 -31.37
N ARG A 82 -12.00 2.76 -31.28
CA ARG A 82 -11.10 3.60 -30.51
C ARG A 82 -11.99 4.21 -29.43
N VAL A 83 -11.66 3.92 -28.17
CA VAL A 83 -12.45 4.41 -27.06
C VAL A 83 -11.99 5.76 -26.51
N ARG A 84 -12.96 6.63 -26.23
CA ARG A 84 -12.70 7.95 -25.68
C ARG A 84 -13.44 8.20 -24.37
N SER A 85 -12.72 8.78 -23.41
CA SER A 85 -13.30 9.14 -22.12
C SER A 85 -13.26 10.65 -21.98
N GLY A 86 -12.10 11.19 -21.58
CA GLY A 86 -11.99 12.63 -21.43
C GLY A 86 -11.34 13.30 -22.62
N GLY A 87 -10.73 12.48 -23.48
CA GLY A 87 -10.08 13.00 -24.67
C GLY A 87 -8.79 13.77 -24.48
N HIS A 88 -8.13 13.62 -23.32
CA HIS A 88 -6.90 14.36 -23.00
C HIS A 88 -5.64 13.79 -23.70
N ASP A 89 -5.79 12.71 -24.48
CA ASP A 89 -4.65 12.05 -25.17
C ASP A 89 -3.88 13.09 -25.97
N TYR A 90 -2.62 13.26 -25.58
CA TYR A 90 -1.71 14.22 -26.18
C TYR A 90 -1.55 14.14 -27.69
N GLU A 91 -1.63 12.91 -28.21
CA GLU A 91 -1.52 12.65 -29.63
C GLU A 91 -2.88 12.36 -30.26
N GLY A 92 -3.92 12.54 -29.45
CA GLY A 92 -5.30 12.36 -29.87
C GLY A 92 -5.74 11.00 -30.39
N LEU A 93 -5.07 9.94 -29.97
CA LEU A 93 -5.36 8.58 -30.44
C LEU A 93 -6.71 7.97 -30.07
N SER A 94 -7.50 8.72 -29.29
CA SER A 94 -8.82 8.28 -28.86
C SER A 94 -9.92 8.72 -29.83
N TYR A 95 -9.63 9.71 -30.66
CA TYR A 95 -10.61 10.25 -31.62
C TYR A 95 -10.13 10.37 -33.07
N ARG A 96 -8.87 10.03 -33.31
CA ARG A 96 -8.27 10.11 -34.64
C ARG A 96 -7.35 8.93 -34.95
N SER A 97 -6.98 8.85 -36.23
CA SER A 97 -6.06 7.83 -36.72
C SER A 97 -5.02 8.61 -37.54
N GLU A 98 -3.79 8.13 -37.54
CA GLU A 98 -2.70 8.78 -38.27
C GLU A 98 -2.87 8.62 -39.78
N LYS A 99 -3.25 7.41 -40.18
CA LYS A 99 -3.47 7.04 -41.57
C LYS A 99 -4.93 6.70 -41.79
N PRO A 100 -5.45 6.84 -43.03
CA PRO A 100 -6.86 6.51 -43.28
C PRO A 100 -7.17 5.02 -43.09
N GLU A 101 -8.16 4.77 -42.23
CA GLU A 101 -8.65 3.43 -41.91
C GLU A 101 -10.07 3.59 -41.34
N PRO A 102 -10.96 2.61 -41.59
CA PRO A 102 -12.33 2.74 -41.04
C PRO A 102 -12.41 2.36 -39.56
N PHE A 103 -12.87 3.31 -38.74
CA PHE A 103 -13.02 3.04 -37.31
C PHE A 103 -14.21 3.77 -36.71
N ALA A 104 -14.63 3.29 -35.54
CA ALA A 104 -15.72 3.87 -34.79
C ALA A 104 -15.19 4.30 -33.44
N VAL A 105 -15.80 5.34 -32.88
CA VAL A 105 -15.41 5.81 -31.56
C VAL A 105 -16.51 5.52 -30.55
N VAL A 106 -16.12 4.92 -29.43
CA VAL A 106 -17.03 4.64 -28.33
C VAL A 106 -16.69 5.74 -27.33
N ASP A 107 -17.58 6.72 -27.26
CA ASP A 107 -17.45 7.88 -26.38
C ASP A 107 -18.15 7.59 -25.05
N MET A 108 -17.34 7.43 -24.02
CA MET A 108 -17.80 7.11 -22.67
C MET A 108 -18.38 8.25 -21.80
N ASN A 109 -18.39 9.47 -22.33
CA ASN A 109 -18.85 10.66 -21.59
C ASN A 109 -20.18 10.64 -20.80
N LYS A 110 -21.16 9.87 -21.29
CA LYS A 110 -22.46 9.76 -20.65
C LYS A 110 -22.50 8.74 -19.50
N MET A 111 -21.41 7.96 -19.37
CA MET A 111 -21.27 6.98 -18.29
C MET A 111 -20.30 7.68 -17.37
N ARG A 112 -20.86 8.46 -16.44
CA ARG A 112 -20.09 9.26 -15.51
C ARG A 112 -20.43 9.09 -14.03
N ALA A 113 -21.04 7.95 -13.69
CA ALA A 113 -21.45 7.65 -12.31
C ALA A 113 -20.28 7.43 -11.35
N VAL A 114 -20.40 8.09 -10.20
CA VAL A 114 -19.43 7.98 -9.12
C VAL A 114 -20.30 7.52 -7.95
N SER A 115 -20.24 6.22 -7.67
CA SER A 115 -21.02 5.59 -6.59
C SER A 115 -20.11 5.23 -5.42
N ILE A 116 -20.21 6.02 -4.35
CA ILE A 116 -19.42 5.83 -3.14
C ILE A 116 -20.15 4.93 -2.14
N ASP A 117 -19.38 3.98 -1.58
CA ASP A 117 -19.88 3.06 -0.56
C ASP A 117 -19.41 3.72 0.74
N GLY A 118 -20.30 4.52 1.33
CA GLY A 118 -20.03 5.27 2.56
C GLY A 118 -19.44 4.52 3.73
N LYS A 119 -19.93 3.30 3.95
CA LYS A 119 -19.47 2.45 5.06
C LYS A 119 -18.23 1.59 4.76
N ALA A 120 -17.71 1.66 3.54
CA ALA A 120 -16.52 0.89 3.18
C ALA A 120 -15.40 1.77 2.64
N ALA A 121 -15.72 3.04 2.37
CA ALA A 121 -14.83 4.05 1.79
C ALA A 121 -14.22 3.61 0.45
N THR A 122 -15.05 2.95 -0.35
CA THR A 122 -14.68 2.49 -1.69
C THR A 122 -15.61 3.20 -2.65
N ALA A 123 -15.26 3.21 -3.93
CA ALA A 123 -16.09 3.85 -4.94
C ALA A 123 -16.00 3.19 -6.28
N TRP A 124 -17.15 3.08 -6.95
CA TRP A 124 -17.21 2.55 -8.30
C TRP A 124 -17.30 3.81 -9.16
N VAL A 125 -16.28 4.03 -9.98
CA VAL A 125 -16.20 5.20 -10.85
C VAL A 125 -16.19 4.79 -12.31
N ASP A 126 -17.13 5.33 -13.08
CA ASP A 126 -17.21 5.06 -14.51
C ASP A 126 -16.07 5.76 -15.23
N SER A 127 -15.57 5.11 -16.28
CA SER A 127 -14.47 5.61 -17.10
C SER A 127 -14.71 6.98 -17.72
N GLY A 128 -15.98 7.27 -18.03
CA GLY A 128 -16.36 8.54 -18.62
C GLY A 128 -16.47 9.71 -17.68
N ALA A 129 -16.30 9.46 -16.38
CA ALA A 129 -16.31 10.52 -15.37
C ALA A 129 -14.99 11.23 -15.48
N GLN A 130 -14.99 12.54 -15.31
CA GLN A 130 -13.75 13.27 -15.34
C GLN A 130 -13.26 13.32 -13.90
N LEU A 131 -11.98 13.64 -13.71
CA LEU A 131 -11.41 13.69 -12.37
C LEU A 131 -12.13 14.63 -11.43
N GLY A 132 -12.70 15.69 -12.00
CA GLY A 132 -13.46 16.67 -11.24
C GLY A 132 -14.73 16.09 -10.65
N ASP A 133 -15.38 15.18 -11.39
CA ASP A 133 -16.61 14.50 -10.95
C ASP A 133 -16.29 13.61 -9.76
N LEU A 134 -15.16 12.90 -9.86
CA LEU A 134 -14.68 11.99 -8.81
C LEU A 134 -14.31 12.77 -7.55
N TYR A 135 -13.54 13.83 -7.73
CA TYR A 135 -13.10 14.68 -6.62
C TYR A 135 -14.25 15.33 -5.85
N TYR A 136 -15.23 15.84 -6.59
CA TYR A 136 -16.42 16.50 -6.03
C TYR A 136 -17.30 15.48 -5.31
N GLY A 137 -17.44 14.30 -5.92
CA GLY A 137 -18.23 13.22 -5.36
C GLY A 137 -17.74 12.75 -4.02
N ILE A 138 -16.41 12.66 -3.88
CA ILE A 138 -15.73 12.24 -2.66
C ILE A 138 -15.92 13.28 -1.56
N ALA A 139 -15.82 14.54 -1.94
CA ALA A 139 -15.98 15.71 -1.09
C ALA A 139 -17.36 15.87 -0.49
N LYS A 140 -18.37 15.50 -1.28
CA LYS A 140 -19.79 15.60 -0.91
C LYS A 140 -20.12 14.54 0.15
N ALA A 141 -19.44 13.40 0.04
CA ALA A 141 -19.63 12.29 0.96
C ALA A 141 -18.81 12.41 2.25
N SER A 142 -17.62 13.01 2.16
CA SER A 142 -16.74 13.17 3.31
C SER A 142 -15.63 14.23 3.18
N PRO A 143 -15.41 15.04 4.24
CA PRO A 143 -14.37 16.08 4.24
C PRO A 143 -12.97 15.53 4.57
N LYS A 144 -12.91 14.26 4.99
CA LYS A 144 -11.65 13.62 5.37
C LYS A 144 -11.17 12.52 4.40
N LEU A 145 -11.78 12.44 3.22
CA LEU A 145 -11.40 11.46 2.21
C LEU A 145 -10.91 12.13 0.93
N GLY A 146 -9.96 11.48 0.28
CA GLY A 146 -9.39 11.97 -0.97
C GLY A 146 -8.99 10.84 -1.89
N PHE A 147 -8.41 11.19 -3.04
CA PHE A 147 -7.93 10.21 -4.02
C PHE A 147 -6.73 10.72 -4.82
N PRO A 148 -5.65 9.92 -4.91
CA PRO A 148 -4.43 10.27 -5.63
C PRO A 148 -4.43 10.17 -7.16
N ALA A 149 -5.02 11.16 -7.83
CA ALA A 149 -5.04 11.18 -9.28
C ALA A 149 -4.43 12.48 -9.79
N GLY A 150 -4.62 12.77 -11.07
CA GLY A 150 -4.07 13.97 -11.70
C GLY A 150 -4.57 15.33 -11.24
N VAL A 151 -3.85 16.36 -11.67
CA VAL A 151 -4.11 17.76 -11.32
C VAL A 151 -5.27 18.36 -12.11
N CYS A 152 -5.23 18.15 -13.42
CA CYS A 152 -6.21 18.67 -14.36
C CYS A 152 -7.59 18.04 -14.12
N THR A 153 -8.59 18.89 -13.99
CA THR A 153 -9.96 18.48 -13.71
C THR A 153 -10.76 17.76 -14.81
N THR A 154 -10.42 18.02 -16.06
CA THR A 154 -11.14 17.44 -17.20
C THR A 154 -10.67 16.08 -17.73
N ILE A 155 -9.65 15.50 -17.09
CA ILE A 155 -9.12 14.19 -17.49
C ILE A 155 -10.14 13.12 -17.27
N GLY A 156 -10.32 12.27 -18.27
CA GLY A 156 -11.24 11.15 -18.13
C GLY A 156 -10.55 10.05 -17.34
N VAL A 157 -11.33 9.43 -16.45
CA VAL A 157 -10.88 8.34 -15.60
C VAL A 157 -10.32 7.16 -16.44
N GLY A 158 -11.01 6.85 -17.54
CA GLY A 158 -10.62 5.77 -18.43
C GLY A 158 -9.19 5.74 -18.91
N GLY A 159 -8.74 6.82 -19.56
CA GLY A 159 -7.37 6.89 -20.06
C GLY A 159 -6.33 7.13 -18.97
N HIS A 160 -6.73 7.90 -17.97
CA HIS A 160 -5.89 8.25 -16.82
C HIS A 160 -5.42 7.05 -16.01
N PHE A 161 -6.39 6.29 -15.49
CA PHE A 161 -6.14 5.12 -14.67
C PHE A 161 -5.44 4.02 -15.46
N SER A 162 -5.79 3.90 -16.75
CA SER A 162 -5.20 2.92 -17.65
C SER A 162 -3.70 3.10 -17.81
N GLY A 163 -3.25 4.35 -17.73
CA GLY A 163 -1.84 4.67 -17.86
C GLY A 163 -1.14 4.91 -16.53
N GLY A 164 -1.83 4.65 -15.42
CA GLY A 164 -1.25 4.86 -14.10
C GLY A 164 -1.91 6.05 -13.43
N GLY A 165 -1.50 7.26 -13.83
CA GLY A 165 -2.06 8.49 -13.30
C GLY A 165 -1.47 9.04 -12.01
N PHE A 166 -0.80 10.19 -12.07
CA PHE A 166 -0.22 10.80 -10.86
C PHE A 166 -0.49 12.28 -10.67
N GLY A 167 -0.46 12.73 -9.42
CA GLY A 167 -0.69 14.13 -9.10
C GLY A 167 -0.02 14.55 -7.82
N MET A 168 -0.58 15.58 -7.19
CA MET A 168 -0.07 16.16 -5.94
C MET A 168 0.00 15.24 -4.71
N LEU A 169 -0.62 14.06 -4.78
CA LEU A 169 -0.61 13.08 -3.69
C LEU A 169 0.22 11.83 -3.97
N LEU A 170 1.00 11.84 -5.05
CA LEU A 170 1.82 10.70 -5.45
C LEU A 170 2.83 10.19 -4.40
N ARG A 171 3.44 11.11 -3.65
CA ARG A 171 4.43 10.79 -2.63
C ARG A 171 3.81 10.13 -1.39
N LYS A 172 2.52 10.33 -1.21
CA LYS A 172 1.81 9.74 -0.08
C LYS A 172 1.14 8.41 -0.45
N TYR A 173 0.40 8.39 -1.55
CA TYR A 173 -0.35 7.19 -1.96
C TYR A 173 -0.09 6.57 -3.32
N GLY A 174 0.97 7.01 -4.00
CA GLY A 174 1.30 6.46 -5.31
C GLY A 174 0.43 6.94 -6.45
N THR A 175 0.27 6.08 -7.45
CA THR A 175 -0.54 6.39 -8.62
C THR A 175 -2.01 6.08 -8.37
N ALA A 176 -2.86 6.48 -9.31
CA ALA A 176 -4.30 6.25 -9.25
C ALA A 176 -4.55 4.74 -9.36
N ALA A 177 -3.80 4.12 -10.27
CA ALA A 177 -3.87 2.69 -10.55
C ALA A 177 -3.40 1.80 -9.38
N ASP A 178 -2.56 2.34 -8.51
CA ASP A 178 -2.07 1.63 -7.32
C ASP A 178 -3.21 1.43 -6.31
N ASN A 179 -4.24 2.24 -6.46
CA ASN A 179 -5.40 2.24 -5.57
C ASN A 179 -6.69 1.66 -6.16
N VAL A 180 -6.55 0.90 -7.25
CA VAL A 180 -7.67 0.25 -7.91
C VAL A 180 -7.76 -1.18 -7.37
N ILE A 181 -8.94 -1.55 -6.85
CA ILE A 181 -9.16 -2.87 -6.27
C ILE A 181 -9.99 -3.86 -7.10
N ASP A 182 -10.75 -3.34 -8.07
CA ASP A 182 -11.58 -4.14 -8.97
C ASP A 182 -11.90 -3.26 -10.19
N ALA A 183 -12.36 -3.89 -11.27
CA ALA A 183 -12.73 -3.19 -12.50
C ALA A 183 -13.63 -4.06 -13.36
N LYS A 184 -14.42 -3.42 -14.21
CA LYS A 184 -15.33 -4.10 -15.13
C LYS A 184 -14.89 -3.76 -16.54
N VAL A 185 -14.43 -4.78 -17.27
CA VAL A 185 -13.92 -4.63 -18.64
C VAL A 185 -14.71 -5.45 -19.68
N VAL A 186 -14.80 -4.89 -20.89
CA VAL A 186 -15.44 -5.53 -22.02
C VAL A 186 -14.25 -5.95 -22.91
N ASP A 187 -14.05 -7.25 -23.08
CA ASP A 187 -12.94 -7.76 -23.87
C ASP A 187 -13.18 -7.81 -25.38
N ALA A 188 -12.29 -8.50 -26.10
CA ALA A 188 -12.36 -8.66 -27.56
C ALA A 188 -13.52 -9.55 -28.04
N GLN A 189 -14.07 -10.35 -27.14
CA GLN A 189 -15.21 -11.23 -27.45
C GLN A 189 -16.55 -10.61 -27.03
N GLY A 190 -16.48 -9.43 -26.41
CA GLY A 190 -17.67 -8.73 -25.96
C GLY A 190 -18.21 -9.20 -24.63
N ARG A 191 -17.35 -9.82 -23.82
CA ARG A 191 -17.73 -10.32 -22.50
C ARG A 191 -17.48 -9.24 -21.45
N LEU A 192 -18.37 -9.13 -20.47
CA LEU A 192 -18.23 -8.15 -19.38
C LEU A 192 -17.60 -8.91 -18.22
N LEU A 193 -16.32 -8.63 -17.97
CA LEU A 193 -15.54 -9.30 -16.94
C LEU A 193 -15.09 -8.40 -15.78
N ASP A 194 -15.14 -8.96 -14.57
CA ASP A 194 -14.66 -8.26 -13.37
C ASP A 194 -13.26 -8.81 -13.03
N ARG A 195 -12.67 -8.44 -11.91
CA ARG A 195 -11.33 -8.92 -11.52
C ARG A 195 -11.22 -10.45 -11.49
N LYS A 196 -12.17 -11.07 -10.79
CA LYS A 196 -12.25 -12.54 -10.63
C LYS A 196 -12.40 -13.26 -11.97
N ALA A 197 -13.14 -12.65 -12.89
CA ALA A 197 -13.42 -13.23 -14.21
C ALA A 197 -12.34 -13.00 -15.28
N MET A 198 -11.66 -11.86 -15.23
CA MET A 198 -10.63 -11.54 -16.21
C MET A 198 -9.27 -12.19 -15.97
N GLY A 199 -9.02 -12.58 -14.72
CA GLY A 199 -7.75 -13.19 -14.37
C GLY A 199 -6.79 -12.14 -13.84
N GLU A 200 -5.70 -12.60 -13.23
CA GLU A 200 -4.71 -11.72 -12.64
C GLU A 200 -3.82 -10.96 -13.63
N ASP A 201 -3.56 -11.53 -14.81
CA ASP A 201 -2.74 -10.88 -15.83
C ASP A 201 -3.46 -9.72 -16.52
N HIS A 202 -4.74 -9.93 -16.79
CA HIS A 202 -5.60 -8.93 -17.44
C HIS A 202 -5.86 -7.77 -16.48
N PHE A 203 -6.03 -8.10 -15.19
CA PHE A 203 -6.26 -7.07 -14.17
C PHE A 203 -5.00 -6.25 -13.94
N TRP A 204 -3.86 -6.91 -14.03
CA TRP A 204 -2.55 -6.29 -13.88
C TRP A 204 -2.33 -5.30 -15.04
N ALA A 205 -2.60 -5.76 -16.26
CA ALA A 205 -2.41 -4.99 -17.49
C ALA A 205 -3.11 -3.63 -17.57
N ILE A 206 -4.36 -3.56 -17.12
CA ILE A 206 -5.12 -2.31 -17.16
C ILE A 206 -4.72 -1.28 -16.11
N ARG A 207 -3.89 -1.70 -15.15
CA ARG A 207 -3.42 -0.82 -14.08
C ARG A 207 -2.10 -0.11 -14.33
N GLY A 208 -1.95 0.40 -15.56
CA GLY A 208 -0.73 1.12 -15.92
C GLY A 208 -0.24 0.82 -17.33
N GLY A 209 -0.80 -0.21 -17.95
CA GLY A 209 -0.41 -0.63 -19.29
C GLY A 209 -0.88 0.18 -20.47
N GLY A 210 -1.49 1.34 -20.20
CA GLY A 210 -1.98 2.20 -21.26
C GLY A 210 -3.38 1.85 -21.70
N GLY A 211 -4.05 2.79 -22.35
CA GLY A 211 -5.40 2.56 -22.80
C GLY A 211 -5.50 1.80 -24.10
N GLU A 212 -6.76 1.50 -24.47
CA GLU A 212 -7.14 0.81 -25.70
C GLU A 212 -6.79 -0.68 -25.81
N SER A 213 -5.50 -0.98 -25.71
CA SER A 213 -4.92 -2.33 -25.83
C SER A 213 -5.62 -3.55 -25.21
N PHE A 214 -6.09 -3.39 -23.97
CA PHE A 214 -6.71 -4.50 -23.25
C PHE A 214 -8.23 -4.46 -23.12
N GLY A 215 -8.89 -3.82 -24.08
CA GLY A 215 -10.33 -3.73 -24.04
C GLY A 215 -10.85 -2.42 -23.49
N ILE A 216 -12.17 -2.31 -23.42
CA ILE A 216 -12.85 -1.12 -22.93
C ILE A 216 -13.19 -1.31 -21.45
N VAL A 217 -12.56 -0.53 -20.58
CA VAL A 217 -12.85 -0.61 -19.15
C VAL A 217 -14.09 0.27 -18.94
N ALA A 218 -15.16 -0.34 -18.44
CA ALA A 218 -16.42 0.38 -18.19
C ALA A 218 -16.35 1.20 -16.90
N SER A 219 -15.94 0.54 -15.82
CA SER A 219 -15.83 1.20 -14.52
C SER A 219 -14.70 0.62 -13.66
N TRP A 220 -14.26 1.42 -12.70
CA TRP A 220 -13.17 1.06 -11.80
C TRP A 220 -13.59 1.16 -10.34
N GLN A 221 -13.21 0.16 -9.53
CA GLN A 221 -13.50 0.24 -8.10
C GLN A 221 -12.18 0.67 -7.46
N VAL A 222 -12.26 1.78 -6.75
CA VAL A 222 -11.09 2.35 -6.08
C VAL A 222 -11.23 2.45 -4.57
N LYS A 223 -10.09 2.57 -3.91
CA LYS A 223 -10.03 2.73 -2.46
C LYS A 223 -9.83 4.22 -2.17
N LEU A 224 -10.76 4.81 -1.43
CA LEU A 224 -10.69 6.22 -1.06
C LEU A 224 -9.80 6.31 0.16
N LEU A 225 -8.84 7.23 0.09
CA LEU A 225 -7.85 7.37 1.15
C LEU A 225 -7.97 8.59 2.03
N PRO A 226 -7.57 8.49 3.32
CA PRO A 226 -7.67 9.65 4.21
C PRO A 226 -6.72 10.82 3.94
N VAL A 227 -7.26 12.01 4.23
CA VAL A 227 -6.53 13.27 4.11
C VAL A 227 -6.98 14.06 5.36
N PRO A 228 -6.10 14.93 5.93
CA PRO A 228 -6.47 15.71 7.12
C PRO A 228 -7.54 16.78 6.80
N PRO A 229 -8.24 17.33 7.83
CA PRO A 229 -9.25 18.35 7.56
C PRO A 229 -8.72 19.66 6.98
N LYS A 230 -7.41 19.90 7.18
CA LYS A 230 -6.74 21.10 6.67
C LYS A 230 -5.42 20.72 6.01
N VAL A 231 -5.18 21.29 4.83
CA VAL A 231 -3.95 21.06 4.08
C VAL A 231 -3.30 22.42 3.84
N THR A 232 -2.02 22.42 3.47
CA THR A 232 -1.32 23.66 3.20
C THR A 232 -0.68 23.70 1.83
N VAL A 233 -0.91 24.82 1.14
CA VAL A 233 -0.39 25.10 -0.21
C VAL A 233 0.52 26.34 -0.17
N PHE A 234 1.60 26.29 -0.95
CA PHE A 234 2.49 27.45 -1.12
C PHE A 234 3.03 27.52 -2.54
N GLN A 235 3.19 28.74 -3.04
CA GLN A 235 3.71 29.01 -4.38
C GLN A 235 4.80 30.06 -4.24
N VAL A 236 6.06 29.62 -4.37
CA VAL A 236 7.22 30.49 -4.26
C VAL A 236 7.87 30.67 -5.63
N HIS A 237 7.88 31.91 -6.13
CA HIS A 237 8.49 32.26 -7.42
C HIS A 237 9.91 32.73 -7.15
N LYS A 238 10.86 32.24 -7.94
CA LYS A 238 12.27 32.59 -7.80
C LYS A 238 12.94 32.84 -9.16
N GLY A 239 13.53 34.02 -9.32
CA GLY A 239 14.23 34.37 -10.55
C GLY A 239 15.69 33.92 -10.49
N ILE A 240 16.46 34.13 -11.57
CA ILE A 240 17.88 33.72 -11.64
C ILE A 240 18.77 34.38 -10.57
N LYS A 241 18.59 35.69 -10.37
CA LYS A 241 19.38 36.45 -9.40
C LYS A 241 19.07 36.15 -7.93
N GLU A 242 17.95 35.45 -7.69
CA GLU A 242 17.54 35.06 -6.34
C GLU A 242 18.08 33.68 -5.97
N GLY A 243 18.78 33.06 -6.93
CA GLY A 243 19.37 31.75 -6.73
C GLY A 243 18.58 30.56 -7.25
N ALA A 244 17.73 30.78 -8.27
CA ALA A 244 16.90 29.72 -8.85
C ALA A 244 17.62 28.47 -9.32
N ILE A 245 18.79 28.63 -9.94
CA ILE A 245 19.59 27.50 -10.44
C ILE A 245 20.14 26.65 -9.29
N ASP A 246 20.56 27.32 -8.21
CA ASP A 246 21.10 26.68 -7.01
C ASP A 246 20.00 25.92 -6.26
N LEU A 247 18.81 26.53 -6.22
CA LEU A 247 17.64 25.97 -5.56
C LEU A 247 17.07 24.74 -6.27
N VAL A 248 17.15 24.71 -7.60
CA VAL A 248 16.66 23.59 -8.40
C VAL A 248 17.62 22.40 -8.24
N THR A 249 18.91 22.70 -8.10
CA THR A 249 19.97 21.70 -7.92
C THR A 249 19.82 20.98 -6.58
N LYS A 250 19.57 21.75 -5.52
CA LYS A 250 19.42 21.22 -4.16
C LYS A 250 18.11 20.40 -4.07
N TRP A 251 17.06 20.94 -4.70
CA TRP A 251 15.73 20.32 -4.76
C TRP A 251 15.76 18.86 -5.22
N GLN A 252 16.63 18.55 -6.19
CA GLN A 252 16.76 17.19 -6.76
C GLN A 252 16.95 16.06 -5.75
N THR A 253 17.63 16.37 -4.64
CA THR A 253 17.91 15.42 -3.58
C THR A 253 17.05 15.60 -2.33
N VAL A 254 16.57 16.81 -2.11
CA VAL A 254 15.74 17.16 -0.96
C VAL A 254 14.27 16.71 -1.11
N ALA A 255 13.65 17.13 -2.22
CA ALA A 255 12.23 16.82 -2.49
C ALA A 255 11.82 15.33 -2.47
N PRO A 256 12.64 14.41 -3.04
CA PRO A 256 12.26 12.99 -3.02
C PRO A 256 12.54 12.30 -1.67
N ALA A 257 13.29 12.99 -0.80
CA ALA A 257 13.66 12.48 0.53
C ALA A 257 12.83 13.07 1.66
N LEU A 258 11.97 14.03 1.31
CA LEU A 258 11.09 14.70 2.26
C LEU A 258 9.98 13.75 2.77
N PRO A 259 9.35 14.04 3.95
CA PRO A 259 8.28 13.17 4.46
C PRO A 259 7.19 12.97 3.40
N ASP A 260 6.54 11.81 3.42
CA ASP A 260 5.50 11.50 2.45
C ASP A 260 4.30 12.45 2.41
N ASP A 261 4.17 13.29 3.44
CA ASP A 261 3.10 14.29 3.53
C ASP A 261 3.37 15.55 2.68
N LEU A 262 4.61 15.71 2.22
CA LEU A 262 5.01 16.89 1.44
C LEU A 262 5.47 16.62 0.02
N MET A 263 4.86 17.36 -0.91
CA MET A 263 5.13 17.29 -2.33
C MET A 263 5.46 18.70 -2.83
N ILE A 264 6.67 18.89 -3.36
CA ILE A 264 7.09 20.20 -3.92
C ILE A 264 7.44 20.01 -5.39
N ARG A 265 6.58 20.54 -6.27
CA ARG A 265 6.78 20.45 -7.72
C ARG A 265 7.35 21.76 -8.29
N ILE A 266 8.15 21.67 -9.36
CA ILE A 266 8.71 22.86 -10.02
C ILE A 266 8.11 23.06 -11.41
N MET A 267 7.87 24.32 -11.73
CA MET A 267 7.38 24.75 -13.02
C MET A 267 8.39 25.81 -13.45
N ALA A 268 9.35 25.39 -14.28
CA ALA A 268 10.40 26.27 -14.77
C ALA A 268 10.01 26.91 -16.10
N MET A 269 9.79 28.22 -16.07
CA MET A 269 9.42 28.99 -17.25
C MET A 269 10.31 30.20 -17.41
N GLY A 270 10.94 30.29 -18.58
CA GLY A 270 11.82 31.39 -18.93
C GLY A 270 13.03 31.61 -18.04
N GLN A 271 12.92 32.65 -17.22
CA GLN A 271 13.95 33.09 -16.30
C GLN A 271 13.66 32.76 -14.82
N GLY A 272 12.49 32.17 -14.56
CA GLY A 272 12.12 31.85 -13.19
C GLY A 272 11.73 30.42 -12.95
N ALA A 273 11.70 30.06 -11.67
CA ALA A 273 11.33 28.71 -11.24
C ALA A 273 10.28 28.81 -10.14
N MET A 274 9.07 28.32 -10.41
CA MET A 274 8.00 28.33 -9.42
C MET A 274 8.00 27.02 -8.63
N PHE A 275 8.14 27.15 -7.31
CA PHE A 275 8.11 26.01 -6.39
C PHE A 275 6.67 26.00 -5.88
N GLU A 276 5.95 24.93 -6.23
CA GLU A 276 4.56 24.77 -5.85
C GLU A 276 4.41 23.53 -4.97
N ALA A 277 3.71 23.68 -3.85
CA ALA A 277 3.56 22.57 -2.92
C ALA A 277 2.21 22.31 -2.29
N LEU A 278 2.02 21.07 -1.87
CA LEU A 278 0.83 20.61 -1.16
C LEU A 278 1.36 19.79 0.00
N TYR A 279 1.00 20.21 1.21
CA TYR A 279 1.41 19.54 2.43
C TYR A 279 0.17 19.03 3.14
N LEU A 280 0.19 17.76 3.51
CA LEU A 280 -0.91 17.13 4.23
C LEU A 280 -0.75 17.42 5.73
N GLY A 281 -1.04 18.67 6.07
CA GLY A 281 -0.94 19.15 7.45
C GLY A 281 -1.11 20.65 7.50
N THR A 282 -0.75 21.25 8.63
CA THR A 282 -0.90 22.69 8.83
C THR A 282 0.36 23.51 8.57
N CYS A 283 0.19 24.84 8.59
CA CYS A 283 1.27 25.81 8.39
C CYS A 283 2.23 25.71 9.59
N LYS A 284 1.68 25.51 10.78
CA LYS A 284 2.41 25.37 12.04
C LYS A 284 3.50 24.28 11.96
N ASP A 285 3.13 23.14 11.38
CA ASP A 285 4.06 22.00 11.23
C ASP A 285 4.95 22.08 10.01
N LEU A 286 4.51 22.81 8.98
CA LEU A 286 5.28 22.97 7.72
C LEU A 286 6.51 23.86 7.80
N VAL A 287 6.38 25.01 8.48
CA VAL A 287 7.46 25.98 8.61
C VAL A 287 8.72 25.36 9.23
N LEU A 288 8.51 24.63 10.33
CA LEU A 288 9.59 23.95 11.07
C LEU A 288 10.30 22.91 10.18
N LEU A 289 9.48 22.19 9.39
CA LEU A 289 9.96 21.15 8.47
C LEU A 289 10.80 21.75 7.35
N MET A 290 10.33 22.84 6.76
CA MET A 290 11.04 23.51 5.67
C MET A 290 12.33 24.21 6.06
N THR A 291 12.37 24.79 7.26
CA THR A 291 13.57 25.48 7.74
C THR A 291 14.67 24.49 8.15
N ALA A 292 14.29 23.23 8.35
CA ALA A 292 15.23 22.18 8.73
C ALA A 292 15.70 21.36 7.53
N ARG A 293 14.84 21.21 6.53
CA ARG A 293 15.16 20.41 5.34
C ARG A 293 15.53 21.16 4.06
N PHE A 294 14.95 22.35 3.87
CA PHE A 294 15.23 23.18 2.68
C PHE A 294 15.17 24.68 3.09
N PRO A 295 16.03 25.13 4.06
CA PRO A 295 16.01 26.54 4.47
C PRO A 295 16.30 27.57 3.38
N GLU A 296 17.14 27.14 2.42
CA GLU A 296 17.58 27.95 1.29
C GLU A 296 16.47 28.59 0.44
N LEU A 297 15.28 28.00 0.50
CA LEU A 297 14.11 28.47 -0.25
C LEU A 297 13.50 29.76 0.32
N GLY A 298 13.78 30.04 1.60
CA GLY A 298 13.25 31.23 2.25
C GLY A 298 11.76 31.17 2.52
N MET A 299 11.28 29.96 2.81
CA MET A 299 9.87 29.69 3.08
C MET A 299 9.48 30.06 4.51
N ASN A 300 8.40 30.83 4.64
CA ASN A 300 7.85 31.25 5.93
C ASN A 300 6.30 31.24 5.87
N ALA A 301 5.66 31.50 7.01
CA ALA A 301 4.20 31.51 7.14
C ALA A 301 3.38 32.48 6.29
N THR A 302 4.06 33.37 5.55
CA THR A 302 3.40 34.34 4.66
C THR A 302 2.96 33.64 3.38
N HIS A 303 3.77 32.65 3.00
CA HIS A 303 3.56 31.84 1.78
C HIS A 303 2.45 30.82 1.97
N CYS A 304 2.07 30.56 3.22
CA CYS A 304 1.04 29.58 3.57
C CYS A 304 -0.41 29.92 3.26
N LYS A 305 -1.07 28.98 2.59
CA LYS A 305 -2.47 29.08 2.26
C LYS A 305 -3.10 27.79 2.77
N GLU A 306 -3.81 27.91 3.89
CA GLU A 306 -4.50 26.78 4.50
C GLU A 306 -5.92 26.67 3.96
N MET A 307 -6.33 25.45 3.66
CA MET A 307 -7.65 25.14 3.11
C MET A 307 -7.90 23.64 3.25
N THR A 308 -9.12 23.21 2.95
CA THR A 308 -9.48 21.78 2.99
C THR A 308 -8.90 21.12 1.72
N TRP A 309 -8.90 19.78 1.68
CA TRP A 309 -8.35 19.06 0.51
C TRP A 309 -9.06 19.39 -0.80
N ILE A 310 -10.39 19.37 -0.78
CA ILE A 310 -11.17 19.65 -1.98
C ILE A 310 -10.92 21.05 -2.55
N GLU A 311 -10.73 22.03 -1.67
CA GLU A 311 -10.45 23.41 -2.08
C GLU A 311 -9.05 23.56 -2.70
N SER A 312 -8.16 22.61 -2.40
CA SER A 312 -6.80 22.61 -2.96
C SER A 312 -6.80 22.10 -4.39
N VAL A 313 -7.83 21.32 -4.76
CA VAL A 313 -7.93 20.77 -6.12
C VAL A 313 -8.10 21.88 -7.18
N PRO A 314 -9.08 22.81 -7.05
CA PRO A 314 -9.11 23.81 -8.11
C PRO A 314 -8.02 24.90 -7.94
N TYR A 315 -7.47 25.02 -6.73
CA TYR A 315 -6.45 26.05 -6.43
C TYR A 315 -5.14 25.89 -7.21
N ILE A 316 -4.71 24.64 -7.38
CA ILE A 316 -3.46 24.28 -8.05
C ILE A 316 -3.35 24.64 -9.54
N PRO A 317 -4.40 24.41 -10.33
CA PRO A 317 -4.31 24.88 -11.72
C PRO A 317 -5.16 26.11 -12.13
N MET A 318 -6.17 26.45 -11.33
CA MET A 318 -7.06 27.59 -11.65
C MET A 318 -6.83 28.86 -10.84
N GLY A 319 -5.97 28.78 -9.81
CA GLY A 319 -5.68 29.93 -8.97
C GLY A 319 -6.74 30.17 -7.89
N PRO A 320 -6.73 31.33 -7.17
CA PRO A 320 -7.71 31.64 -6.12
C PRO A 320 -9.12 31.90 -6.65
N LYS A 321 -9.22 32.10 -7.97
CA LYS A 321 -10.47 32.36 -8.68
C LYS A 321 -11.32 31.09 -8.83
N GLY A 322 -10.66 29.94 -8.87
CA GLY A 322 -11.34 28.66 -9.02
C GLY A 322 -12.09 28.19 -7.80
N THR A 323 -13.32 27.71 -8.03
CA THR A 323 -14.22 27.21 -6.98
C THR A 323 -14.38 25.69 -7.11
N VAL A 324 -14.98 25.07 -6.09
CA VAL A 324 -15.23 23.62 -6.06
C VAL A 324 -16.26 23.20 -7.11
N ARG A 325 -17.18 24.10 -7.44
CA ARG A 325 -18.22 23.85 -8.44
C ARG A 325 -17.63 23.80 -9.86
N ASP A 326 -16.48 24.45 -10.06
CA ASP A 326 -15.77 24.50 -11.35
C ASP A 326 -15.22 23.15 -11.78
N LEU A 327 -15.11 22.22 -10.83
CA LEU A 327 -14.61 20.87 -11.08
C LEU A 327 -15.58 20.04 -11.95
N LEU A 328 -16.84 20.47 -11.98
CA LEU A 328 -17.89 19.82 -12.76
C LEU A 328 -17.98 20.35 -14.20
N ASN A 329 -17.21 21.39 -14.50
CA ASN A 329 -17.14 22.01 -15.83
C ASN A 329 -16.34 21.04 -16.72
N ARG A 330 -16.94 20.63 -17.85
CA ARG A 330 -16.31 19.69 -18.77
C ARG A 330 -15.44 20.31 -19.86
N THR A 331 -15.24 21.63 -19.78
CA THR A 331 -14.39 22.36 -20.72
C THR A 331 -13.11 22.70 -19.96
N SER A 332 -11.97 22.35 -20.55
CA SER A 332 -10.66 22.60 -19.94
C SER A 332 -10.29 24.10 -19.95
N ASN A 333 -9.52 24.50 -18.93
CA ASN A 333 -9.06 25.89 -18.80
C ASN A 333 -7.89 26.18 -19.76
N ILE A 334 -7.44 25.13 -20.44
CA ILE A 334 -6.36 25.19 -21.41
C ILE A 334 -7.01 24.88 -22.76
N LYS A 335 -7.06 25.90 -23.62
CA LYS A 335 -7.67 25.83 -24.95
C LYS A 335 -6.57 26.16 -25.97
N ALA A 336 -5.69 25.20 -26.25
CA ALA A 336 -4.58 25.44 -27.19
C ALA A 336 -4.00 24.24 -27.92
N PHE A 337 -3.10 24.55 -28.84
CA PHE A 337 -2.36 23.59 -29.67
C PHE A 337 -1.14 23.19 -28.83
N GLY A 338 -0.86 21.90 -28.71
CA GLY A 338 0.27 21.49 -27.89
C GLY A 338 1.11 20.30 -28.31
N LYS A 339 2.37 20.31 -27.86
CA LYS A 339 3.32 19.22 -28.09
C LYS A 339 3.95 18.98 -26.72
N TYR A 340 3.99 17.71 -26.33
CA TYR A 340 4.52 17.32 -25.03
C TYR A 340 5.48 16.16 -25.16
N LYS A 341 6.43 16.11 -24.22
CA LYS A 341 7.44 15.05 -24.13
C LYS A 341 7.74 14.84 -22.66
N SER A 342 8.30 13.68 -22.32
CA SER A 342 8.66 13.40 -20.93
C SER A 342 9.95 12.63 -20.73
N ASP A 343 10.53 12.83 -19.54
CA ASP A 343 11.77 12.19 -19.14
C ASP A 343 11.74 11.84 -17.65
N TYR A 344 12.71 11.01 -17.27
CA TYR A 344 12.89 10.57 -15.89
C TYR A 344 14.37 10.69 -15.53
N VAL A 345 14.63 11.32 -14.40
CA VAL A 345 15.99 11.55 -13.90
C VAL A 345 16.29 10.66 -12.68
N LEU A 346 17.36 9.88 -12.80
CA LEU A 346 17.79 8.93 -11.77
C LEU A 346 18.99 9.43 -10.95
N GLU A 347 19.85 10.23 -11.58
CA GLU A 347 21.07 10.80 -10.98
C GLU A 347 20.90 12.31 -10.96
N PRO A 348 21.41 13.03 -9.91
CA PRO A 348 21.24 14.50 -9.90
C PRO A 348 22.08 15.19 -10.97
N ILE A 349 21.49 16.20 -11.60
CA ILE A 349 22.13 16.99 -12.65
C ILE A 349 22.95 18.10 -11.95
N PRO A 350 24.27 18.24 -12.28
CA PRO A 350 25.13 19.27 -11.65
C PRO A 350 24.66 20.71 -11.91
N LYS A 351 25.06 21.63 -11.02
CA LYS A 351 24.71 23.06 -11.10
C LYS A 351 25.07 23.68 -12.45
N SER A 352 26.28 23.36 -12.92
CA SER A 352 26.82 23.86 -14.21
C SER A 352 25.98 23.47 -15.42
N ASP A 353 25.38 22.30 -15.35
CA ASP A 353 24.55 21.79 -16.43
C ASP A 353 23.13 22.34 -16.37
N TRP A 354 22.70 22.72 -15.17
CA TRP A 354 21.38 23.35 -14.97
C TRP A 354 21.38 24.75 -15.54
N GLU A 355 22.58 25.34 -15.60
CA GLU A 355 22.81 26.67 -16.17
C GLU A 355 22.60 26.60 -17.67
N LYS A 356 23.07 25.50 -18.27
CA LYS A 356 22.94 25.25 -19.71
C LYS A 356 21.48 24.96 -20.08
N ILE A 357 20.78 24.20 -19.23
CA ILE A 357 19.36 23.84 -19.44
C ILE A 357 18.49 25.09 -19.37
N PHE A 358 18.85 26.04 -18.50
CA PHE A 358 18.11 27.28 -18.34
C PHE A 358 18.23 28.28 -19.49
N THR A 359 19.26 28.11 -20.33
CA THR A 359 19.44 28.99 -21.50
C THR A 359 18.46 28.54 -22.60
N TRP A 360 18.09 27.26 -22.55
CA TRP A 360 17.14 26.69 -23.51
C TRP A 360 15.72 27.21 -23.29
N LEU A 361 15.48 27.76 -22.10
CA LEU A 361 14.18 28.30 -21.73
C LEU A 361 13.94 29.74 -22.22
N VAL A 362 14.99 30.39 -22.72
CA VAL A 362 14.87 31.77 -23.25
C VAL A 362 15.07 31.79 -24.77
N LYS A 363 15.02 30.60 -25.34
CA LYS A 363 15.17 30.38 -26.78
C LYS A 363 13.78 30.61 -27.42
N PRO A 364 13.72 31.22 -28.62
CA PRO A 364 12.43 31.47 -29.30
C PRO A 364 11.61 30.20 -29.52
N GLY A 365 10.36 30.23 -29.05
CA GLY A 365 9.46 29.10 -29.16
C GLY A 365 9.55 28.19 -27.95
N ALA A 366 10.17 28.68 -26.88
CA ALA A 366 10.33 27.89 -25.66
C ALA A 366 9.08 27.70 -24.82
N GLY A 367 9.00 26.54 -24.18
CA GLY A 367 7.88 26.21 -23.34
C GLY A 367 8.25 26.13 -21.87
N VAL A 368 7.55 25.24 -21.16
CA VAL A 368 7.74 25.05 -19.72
C VAL A 368 8.22 23.63 -19.38
N MET A 369 9.00 23.53 -18.31
CA MET A 369 9.46 22.24 -17.80
C MET A 369 8.78 22.05 -16.46
N ILE A 370 7.88 21.05 -16.40
CA ILE A 370 7.15 20.73 -15.18
C ILE A 370 7.82 19.50 -14.56
N MET A 371 8.39 19.69 -13.37
CA MET A 371 9.11 18.64 -12.67
C MET A 371 8.44 18.17 -11.37
N ASP A 372 8.05 16.89 -11.36
CA ASP A 372 7.39 16.27 -10.21
C ASP A 372 8.32 15.29 -9.49
N PRO A 373 8.55 15.50 -8.17
CA PRO A 373 9.42 14.62 -7.40
C PRO A 373 8.77 13.29 -7.04
N TYR A 374 9.57 12.23 -7.09
CA TYR A 374 9.10 10.90 -6.74
C TYR A 374 9.52 10.53 -5.31
N GLY A 375 9.87 9.26 -5.08
CA GLY A 375 10.24 8.83 -3.73
C GLY A 375 8.95 8.63 -2.91
N GLY A 376 9.09 8.29 -1.63
CA GLY A 376 7.90 8.10 -0.79
C GLY A 376 7.04 6.91 -1.18
N GLY A 377 5.72 7.10 -1.15
CA GLY A 377 4.76 6.05 -1.47
C GLY A 377 4.74 5.50 -2.89
N ILE A 378 5.22 6.28 -3.86
CA ILE A 378 5.26 5.87 -5.26
C ILE A 378 6.42 4.87 -5.45
N ALA A 379 7.49 5.07 -4.69
CA ALA A 379 8.69 4.25 -4.75
C ALA A 379 8.65 2.98 -3.87
N SER A 380 7.52 2.76 -3.20
CA SER A 380 7.35 1.60 -2.32
C SER A 380 6.82 0.37 -3.03
N VAL A 381 6.28 0.59 -4.22
CA VAL A 381 5.71 -0.49 -5.03
C VAL A 381 6.83 -1.08 -5.92
N PRO A 382 6.98 -2.42 -5.98
CA PRO A 382 8.03 -3.01 -6.83
C PRO A 382 7.75 -2.68 -8.31
N GLU A 383 8.82 -2.64 -9.09
CA GLU A 383 8.81 -2.33 -10.50
C GLU A 383 7.87 -3.20 -11.36
N SER A 384 7.64 -4.44 -10.94
CA SER A 384 6.79 -5.37 -11.68
C SER A 384 5.38 -5.56 -11.13
N ALA A 385 5.05 -4.91 -10.02
CA ALA A 385 3.73 -5.01 -9.36
C ALA A 385 2.56 -4.49 -10.21
N THR A 386 2.81 -3.40 -10.95
CA THR A 386 1.86 -2.78 -11.88
C THR A 386 2.72 -2.53 -13.14
N PRO A 387 2.10 -2.29 -14.33
CA PRO A 387 2.93 -2.04 -15.53
C PRO A 387 3.70 -0.72 -15.51
N PHE A 388 3.39 0.15 -14.55
CA PHE A 388 4.04 1.45 -14.32
C PHE A 388 5.40 1.07 -13.65
N PRO A 389 6.52 1.23 -14.37
CA PRO A 389 7.84 0.88 -13.84
C PRO A 389 8.72 1.94 -13.16
N ARG A 390 8.27 3.19 -13.16
CA ARG A 390 9.05 4.28 -12.56
C ARG A 390 8.81 4.40 -11.08
N ARG A 391 9.50 3.53 -10.34
CA ARG A 391 9.38 3.45 -8.91
C ARG A 391 10.68 3.82 -8.20
N SER A 392 11.30 2.87 -7.52
CA SER A 392 12.57 3.06 -6.77
C SER A 392 13.73 3.51 -7.65
N GLY A 393 14.48 4.50 -7.15
CA GLY A 393 15.63 5.01 -7.88
C GLY A 393 15.34 6.28 -8.67
N VAL A 394 14.07 6.54 -8.97
CA VAL A 394 13.64 7.73 -9.70
C VAL A 394 13.61 8.91 -8.74
N LEU A 395 14.27 10.00 -9.14
CA LEU A 395 14.28 11.21 -8.33
C LEU A 395 13.10 12.09 -8.73
N PHE A 396 12.95 12.29 -10.03
CA PHE A 396 11.87 13.11 -10.57
C PHE A 396 11.50 12.90 -12.04
N ASN A 397 10.28 13.31 -12.37
CA ASN A 397 9.74 13.25 -13.72
C ASN A 397 9.85 14.66 -14.28
N ILE A 398 10.10 14.78 -15.58
CA ILE A 398 10.15 16.08 -16.25
C ILE A 398 9.16 15.99 -17.39
N GLN A 399 8.34 17.02 -17.53
CA GLN A 399 7.39 17.12 -18.64
C GLN A 399 7.72 18.41 -19.37
N TYR A 400 7.98 18.29 -20.67
CA TYR A 400 8.29 19.44 -21.52
C TYR A 400 6.97 19.78 -22.22
N VAL A 401 6.49 21.00 -22.01
CA VAL A 401 5.21 21.46 -22.57
C VAL A 401 5.37 22.77 -23.33
N VAL A 402 4.77 22.84 -24.53
CA VAL A 402 4.75 24.04 -25.35
C VAL A 402 3.33 24.27 -25.86
N TYR A 403 2.91 25.53 -25.88
CA TYR A 403 1.60 25.90 -26.38
C TYR A 403 1.73 26.97 -27.45
N TRP A 404 0.79 26.96 -28.40
CA TRP A 404 0.77 27.96 -29.47
C TRP A 404 -0.65 28.22 -29.99
N PHE A 405 -0.74 29.14 -30.96
CA PHE A 405 -1.96 29.57 -31.62
C PHE A 405 -1.79 29.39 -33.14
N GLY A 406 -2.78 28.78 -33.80
CA GLY A 406 -2.74 28.56 -35.25
C GLY A 406 -1.71 27.55 -35.78
N GLU A 407 -2.01 26.89 -36.90
CA GLU A 407 -1.05 25.91 -37.46
C GLU A 407 0.17 26.60 -38.11
N GLY A 408 0.07 27.90 -38.33
CA GLY A 408 1.17 28.68 -38.91
C GLY A 408 2.32 28.91 -37.94
N ALA A 409 2.02 28.90 -36.65
CA ALA A 409 3.02 29.11 -35.60
C ALA A 409 3.42 27.79 -34.93
N ALA A 410 3.29 26.70 -35.68
CA ALA A 410 3.60 25.35 -35.18
C ALA A 410 5.06 24.92 -35.29
N ALA A 411 5.74 25.37 -36.34
CA ALA A 411 7.14 25.04 -36.62
C ALA A 411 8.14 25.21 -35.47
N LEU A 412 8.20 26.41 -34.91
CA LEU A 412 9.13 26.71 -33.82
C LEU A 412 8.96 25.99 -32.47
N PRO A 413 7.73 25.97 -31.89
CA PRO A 413 7.58 25.28 -30.59
C PRO A 413 7.76 23.76 -30.69
N THR A 414 7.43 23.18 -31.85
CA THR A 414 7.57 21.74 -32.09
C THR A 414 9.06 21.38 -32.17
N GLN A 415 9.83 22.24 -32.83
CA GLN A 415 11.26 22.07 -32.99
C GLN A 415 11.96 22.19 -31.64
N TRP A 416 11.45 23.08 -30.78
CA TRP A 416 12.01 23.29 -29.44
C TRP A 416 11.93 22.02 -28.59
N THR A 417 10.77 21.34 -28.61
CA THR A 417 10.59 20.13 -27.82
C THR A 417 11.58 19.05 -28.17
N ARG A 418 11.84 18.91 -29.47
CA ARG A 418 12.78 17.93 -29.99
C ARG A 418 14.23 18.34 -29.72
N ASP A 419 14.47 19.65 -29.77
CA ASP A 419 15.79 20.24 -29.52
C ASP A 419 16.24 20.08 -28.08
N ILE A 420 15.36 20.39 -27.13
CA ILE A 420 15.67 20.25 -25.71
C ILE A 420 15.80 18.75 -25.33
N TYR A 421 15.01 17.90 -25.96
CA TYR A 421 15.03 16.45 -25.71
C TYR A 421 16.36 15.83 -26.10
N ASP A 422 16.88 16.26 -27.25
CA ASP A 422 18.16 15.78 -27.78
C ASP A 422 19.29 16.22 -26.85
N PHE A 423 19.18 17.45 -26.35
CA PHE A 423 20.15 18.05 -25.44
C PHE A 423 20.15 17.38 -24.05
N MET A 424 18.96 16.99 -23.59
CA MET A 424 18.79 16.35 -22.28
C MET A 424 19.27 14.91 -22.17
N THR A 425 19.61 14.30 -23.31
CA THR A 425 20.07 12.90 -23.38
C THR A 425 21.12 12.41 -22.35
N PRO A 426 22.24 13.16 -22.10
CA PRO A 426 23.19 12.63 -21.12
C PRO A 426 22.83 12.79 -19.63
N TYR A 427 21.75 13.52 -19.36
CA TYR A 427 21.32 13.81 -17.98
C TYR A 427 20.18 12.95 -17.46
N VAL A 428 19.40 12.39 -18.36
CA VAL A 428 18.23 11.58 -18.01
C VAL A 428 18.49 10.08 -18.04
N SER A 429 17.44 9.28 -17.81
CA SER A 429 17.52 7.82 -17.80
C SER A 429 17.97 7.28 -19.16
N LYS A 430 18.79 6.23 -19.12
CA LYS A 430 19.30 5.60 -20.32
C LYS A 430 19.14 4.09 -20.20
N ASN A 431 19.05 3.44 -21.36
CA ASN A 431 18.91 1.98 -21.50
C ASN A 431 17.81 1.29 -20.64
N PRO A 432 16.51 1.60 -20.89
CA PRO A 432 15.94 2.52 -21.89
C PRO A 432 15.71 3.95 -21.37
N ARG A 433 15.49 4.88 -22.28
CA ARG A 433 15.20 6.27 -21.92
C ARG A 433 13.72 6.27 -21.55
N GLN A 434 13.46 6.18 -20.24
CA GLN A 434 12.12 6.12 -19.67
C GLN A 434 11.19 7.31 -19.96
N ALA A 435 9.96 6.99 -20.32
CA ALA A 435 8.93 7.99 -20.62
C ALA A 435 7.60 7.58 -20.01
N TYR A 436 6.72 8.55 -19.83
CA TYR A 436 5.40 8.29 -19.25
C TYR A 436 4.34 8.11 -20.34
N VAL A 437 3.61 6.98 -20.27
CA VAL A 437 2.57 6.62 -21.23
C VAL A 437 1.41 7.61 -21.36
N ASN A 438 1.00 8.23 -20.25
CA ASN A 438 -0.07 9.24 -20.29
C ASN A 438 0.45 10.54 -20.89
N TYR A 439 1.76 10.66 -21.02
CA TYR A 439 2.40 11.81 -21.66
C TYR A 439 2.85 11.29 -23.03
N ARG A 440 1.87 10.81 -23.81
CA ARG A 440 2.08 10.22 -25.11
C ARG A 440 2.84 11.06 -26.14
N ASP A 441 3.82 10.41 -26.75
CA ASP A 441 4.70 11.03 -27.72
C ASP A 441 5.00 10.04 -28.86
N LEU A 442 4.46 10.31 -30.04
CA LEU A 442 4.67 9.46 -31.22
C LEU A 442 6.08 9.51 -31.82
N ASP A 443 6.88 10.49 -31.38
CA ASP A 443 8.28 10.66 -31.84
C ASP A 443 9.16 9.52 -31.30
N LEU A 444 8.61 8.79 -30.34
CA LEU A 444 9.27 7.65 -29.71
C LEU A 444 9.06 6.37 -30.54
N GLY A 445 8.28 6.50 -31.61
CA GLY A 445 7.99 5.40 -32.51
C GLY A 445 6.54 4.95 -32.53
N VAL A 446 6.10 4.43 -33.67
CA VAL A 446 4.75 3.93 -33.86
C VAL A 446 4.84 2.46 -34.28
N ASN A 447 3.71 1.75 -34.20
CA ASN A 447 3.65 0.34 -34.58
C ASN A 447 3.65 0.14 -36.08
N GLN A 448 4.13 -1.03 -36.48
CA GLN A 448 4.20 -1.47 -37.87
C GLN A 448 3.24 -2.65 -37.88
N VAL A 449 2.37 -2.69 -38.89
CA VAL A 449 1.40 -3.77 -39.02
C VAL A 449 1.74 -4.67 -40.23
N VAL A 450 2.03 -5.93 -39.92
CA VAL A 450 2.35 -6.95 -40.93
C VAL A 450 1.40 -8.12 -40.69
N GLY A 451 0.57 -8.41 -41.69
CA GLY A 451 -0.39 -9.50 -41.59
C GLY A 451 -1.54 -9.25 -40.64
N ASN A 452 -2.12 -8.04 -40.71
CA ASN A 452 -3.26 -7.56 -39.88
C ASN A 452 -3.01 -7.54 -38.36
N VAL A 453 -1.75 -7.73 -37.96
CA VAL A 453 -1.33 -7.76 -36.56
C VAL A 453 -0.13 -6.83 -36.32
N SER A 454 -0.16 -6.08 -35.22
CA SER A 454 0.94 -5.18 -34.84
C SER A 454 2.10 -6.09 -34.41
N THR A 455 3.30 -5.78 -34.91
CA THR A 455 4.49 -6.60 -34.63
C THR A 455 5.13 -6.30 -33.29
N TYR A 456 5.70 -7.36 -32.70
CA TYR A 456 6.38 -7.28 -31.42
C TYR A 456 7.60 -6.36 -31.43
N ALA A 457 8.40 -6.48 -32.50
CA ALA A 457 9.63 -5.72 -32.69
C ALA A 457 9.44 -4.20 -32.80
N SER A 458 8.34 -3.78 -33.43
CA SER A 458 8.02 -2.35 -33.59
C SER A 458 7.48 -1.79 -32.29
N GLY A 459 6.72 -2.61 -31.58
CA GLY A 459 6.13 -2.23 -30.31
C GLY A 459 7.16 -2.05 -29.20
N LYS A 460 8.23 -2.85 -29.25
CA LYS A 460 9.32 -2.84 -28.27
C LYS A 460 10.08 -1.52 -28.18
N VAL A 461 10.19 -0.81 -29.31
CA VAL A 461 10.89 0.47 -29.38
C VAL A 461 10.36 1.50 -28.39
N TRP A 462 9.07 1.83 -28.51
CA TRP A 462 8.43 2.79 -27.61
C TRP A 462 8.02 2.10 -26.30
N GLY A 463 7.68 0.82 -26.41
CA GLY A 463 7.25 0.00 -25.28
C GLY A 463 8.16 -0.09 -24.09
N GLU A 464 9.46 -0.29 -24.36
CA GLU A 464 10.47 -0.36 -23.31
C GLU A 464 10.64 1.00 -22.65
N LYS A 465 10.39 2.08 -23.38
CA LYS A 465 10.50 3.44 -22.84
C LYS A 465 9.41 3.70 -21.81
N TYR A 466 8.19 3.32 -22.15
CA TYR A 466 7.05 3.50 -21.27
C TYR A 466 6.95 2.48 -20.15
N PHE A 467 7.24 1.22 -20.47
CA PHE A 467 7.08 0.10 -19.53
C PHE A 467 8.28 -0.72 -19.06
N LYS A 468 9.49 -0.40 -19.53
CA LYS A 468 10.74 -1.12 -19.17
C LYS A 468 10.65 -2.64 -19.32
N GLY A 469 10.91 -3.37 -18.24
CA GLY A 469 10.86 -4.81 -18.25
C GLY A 469 9.45 -5.39 -18.22
N ASN A 470 8.46 -4.52 -18.00
CA ASN A 470 7.06 -4.93 -17.94
C ASN A 470 6.41 -5.09 -19.30
N PHE A 471 7.15 -4.70 -20.35
CA PHE A 471 6.65 -4.79 -21.71
C PHE A 471 6.33 -6.21 -22.18
N GLU A 472 7.20 -7.17 -21.81
CA GLU A 472 7.03 -8.58 -22.20
C GLU A 472 5.76 -9.22 -21.66
N ARG A 473 5.48 -9.01 -20.36
CA ARG A 473 4.28 -9.56 -19.73
C ARG A 473 3.03 -8.89 -20.33
N LEU A 474 3.13 -7.59 -20.63
CA LEU A 474 2.03 -6.84 -21.24
C LEU A 474 1.72 -7.42 -22.63
N ALA A 475 2.77 -7.75 -23.37
CA ALA A 475 2.64 -8.32 -24.71
C ALA A 475 2.09 -9.74 -24.71
N ARG A 476 2.46 -10.53 -23.69
CA ARG A 476 1.99 -11.91 -23.53
C ARG A 476 0.52 -11.93 -23.10
N THR A 477 0.12 -10.93 -22.30
CA THR A 477 -1.25 -10.78 -21.82
C THR A 477 -2.15 -10.41 -23.00
N LYS A 478 -1.65 -9.54 -23.88
CA LYS A 478 -2.36 -9.10 -25.08
C LYS A 478 -2.55 -10.31 -26.00
N GLY A 479 -1.56 -11.21 -26.00
CA GLY A 479 -1.60 -12.43 -26.80
C GLY A 479 -2.70 -13.38 -26.35
N LYS A 480 -3.06 -13.31 -25.08
CA LYS A 480 -4.12 -14.14 -24.49
C LYS A 480 -5.53 -13.54 -24.71
N ILE A 481 -5.66 -12.23 -24.48
CA ILE A 481 -6.94 -11.51 -24.58
C ILE A 481 -7.38 -11.16 -26.00
N ASP A 482 -6.45 -10.62 -26.78
CA ASP A 482 -6.74 -10.16 -28.13
C ASP A 482 -5.61 -10.55 -29.12
N PRO A 483 -5.45 -11.86 -29.44
CA PRO A 483 -4.41 -12.33 -30.37
C PRO A 483 -4.55 -11.83 -31.82
N GLU A 484 -5.79 -11.55 -32.20
CA GLU A 484 -6.12 -11.05 -33.55
C GLU A 484 -5.88 -9.54 -33.68
N ASP A 485 -5.44 -8.91 -32.57
CA ASP A 485 -5.12 -7.48 -32.47
C ASP A 485 -6.26 -6.54 -32.92
N TYR A 486 -7.45 -6.78 -32.38
CA TYR A 486 -8.63 -5.98 -32.68
C TYR A 486 -8.51 -4.57 -32.08
N PHE A 487 -8.17 -4.50 -30.79
CA PHE A 487 -8.01 -3.24 -30.09
C PHE A 487 -6.64 -2.67 -30.32
N ARG A 488 -6.54 -1.79 -31.32
CA ARG A 488 -5.25 -1.19 -31.64
C ARG A 488 -5.26 0.25 -32.09
N ASN A 489 -4.08 0.84 -32.00
CA ASN A 489 -3.79 2.19 -32.44
C ASN A 489 -2.30 2.23 -32.76
N GLU A 490 -1.79 3.42 -33.01
CA GLU A 490 -0.39 3.63 -33.38
C GLU A 490 0.60 3.25 -32.28
N GLN A 491 0.14 3.29 -31.04
CA GLN A 491 0.96 2.93 -29.89
C GLN A 491 0.24 2.00 -28.91
N SER A 492 -0.25 0.88 -29.45
CA SER A 492 -0.93 -0.12 -28.63
C SER A 492 -0.02 -1.33 -28.48
N ILE A 493 -0.21 -2.06 -27.37
CA ILE A 493 0.57 -3.24 -27.06
C ILE A 493 0.37 -4.35 -28.11
N PRO A 494 1.45 -4.79 -28.77
CA PRO A 494 1.35 -5.86 -29.77
C PRO A 494 1.27 -7.25 -29.13
N PRO A 495 0.58 -8.22 -29.79
CA PRO A 495 0.49 -9.56 -29.20
C PRO A 495 1.74 -10.44 -29.39
N LEU A 496 2.12 -11.11 -28.32
CA LEU A 496 3.25 -12.04 -28.34
C LEU A 496 2.67 -13.40 -27.97
N LEU A 497 2.79 -14.33 -28.90
CA LEU A 497 2.25 -15.67 -28.74
C LEU A 497 3.27 -16.69 -28.23
N PHE B 13 8.95 7.17 44.93
CA PHE B 13 8.27 6.87 43.64
C PHE B 13 6.74 6.88 43.79
N LEU B 14 6.23 6.24 44.84
CA LEU B 14 4.78 6.15 45.09
C LEU B 14 4.09 7.48 45.36
N THR B 15 4.72 8.33 46.16
CA THR B 15 4.16 9.64 46.50
C THR B 15 4.16 10.60 45.31
N CYS B 16 5.10 10.39 44.38
CA CYS B 16 5.20 11.20 43.18
C CYS B 16 4.05 10.85 42.21
N LEU B 17 3.66 9.58 42.19
CA LEU B 17 2.58 9.07 41.34
C LEU B 17 1.19 9.57 41.76
N THR B 18 0.95 9.61 43.07
CA THR B 18 -0.33 10.04 43.66
C THR B 18 -0.73 11.50 43.41
N LYS B 19 0.19 12.30 42.90
CA LYS B 19 -0.08 13.71 42.59
C LYS B 19 -0.96 13.81 41.34
N ASP B 20 -0.75 12.90 40.39
CA ASP B 20 -1.50 12.86 39.13
C ASP B 20 -2.35 11.60 38.91
N ILE B 21 -2.01 10.50 39.60
CA ILE B 21 -2.75 9.23 39.46
C ILE B 21 -3.51 8.85 40.74
N PRO B 22 -4.82 8.52 40.64
CA PRO B 22 -5.62 8.13 41.82
C PRO B 22 -5.06 6.85 42.46
N PRO B 23 -4.93 6.82 43.82
CA PRO B 23 -4.40 5.66 44.57
C PRO B 23 -5.00 4.29 44.23
N ARG B 24 -6.28 4.28 43.83
CA ARG B 24 -7.01 3.06 43.47
C ARG B 24 -6.59 2.45 42.13
N GLN B 25 -5.75 3.17 41.39
CA GLN B 25 -5.23 2.72 40.10
C GLN B 25 -3.74 2.32 40.23
N LEU B 26 -3.24 2.31 41.48
CA LEU B 26 -1.85 1.96 41.82
C LEU B 26 -1.84 0.76 42.77
N TYR B 27 -1.15 -0.31 42.37
CA TYR B 27 -1.05 -1.53 43.18
C TYR B 27 0.38 -1.88 43.56
N ALA B 28 0.66 -1.89 44.86
CA ALA B 28 1.98 -2.25 45.39
C ALA B 28 1.94 -3.74 45.74
N LYS B 29 3.10 -4.35 46.04
CA LYS B 29 3.15 -5.77 46.39
C LYS B 29 2.34 -6.13 47.65
N SER B 30 2.13 -5.11 48.49
CA SER B 30 1.38 -5.23 49.73
C SER B 30 -0.14 -5.08 49.56
N SER B 31 -0.57 -4.54 48.40
CA SER B 31 -1.99 -4.33 48.06
C SER B 31 -2.74 -5.68 47.95
N PRO B 32 -3.99 -5.77 48.49
CA PRO B 32 -4.78 -7.01 48.43
C PRO B 32 -5.14 -7.47 47.01
N ALA B 33 -5.27 -6.51 46.10
CA ALA B 33 -5.61 -6.79 44.70
C ALA B 33 -4.42 -7.00 43.77
N TYR B 34 -3.19 -6.88 44.31
CA TYR B 34 -1.95 -7.04 43.53
C TYR B 34 -1.84 -8.34 42.72
N ALA B 35 -1.95 -9.48 43.42
CA ALA B 35 -1.85 -10.81 42.80
C ALA B 35 -2.84 -11.05 41.67
N SER B 36 -4.04 -10.51 41.83
CA SER B 36 -5.11 -10.63 40.85
C SER B 36 -4.86 -9.77 39.62
N VAL B 37 -4.39 -8.53 39.83
CA VAL B 37 -4.08 -7.58 38.75
C VAL B 37 -2.89 -8.09 37.93
N TRP B 38 -1.88 -8.62 38.61
CA TRP B 38 -0.68 -9.15 37.95
C TRP B 38 -0.98 -10.40 37.13
N SER B 39 -1.58 -11.41 37.78
CA SER B 39 -1.88 -12.69 37.15
C SER B 39 -2.94 -12.70 36.06
N SER B 40 -3.83 -11.69 36.07
CA SER B 40 -4.94 -11.58 35.11
C SER B 40 -4.60 -11.82 33.63
N THR B 41 -3.61 -11.09 33.12
CA THR B 41 -3.20 -11.23 31.73
C THR B 41 -1.86 -11.96 31.50
N VAL B 42 -1.50 -12.84 32.44
CA VAL B 42 -0.29 -13.67 32.31
C VAL B 42 -0.80 -14.87 31.52
N ARG B 43 -0.54 -14.83 30.21
CA ARG B 43 -0.99 -15.84 29.26
C ARG B 43 -0.15 -17.12 29.18
N ASN B 44 1.17 -16.99 29.33
CA ASN B 44 2.06 -18.16 29.34
C ASN B 44 2.21 -18.52 30.83
N ILE B 45 1.49 -19.56 31.23
CA ILE B 45 1.29 -19.99 32.62
C ILE B 45 2.60 -20.42 33.33
N LYS B 46 3.66 -20.69 32.57
CA LYS B 46 4.93 -21.12 33.17
C LYS B 46 5.57 -20.02 34.03
N PHE B 47 5.02 -18.81 33.89
CA PHE B 47 5.49 -17.65 34.63
C PHE B 47 4.66 -17.37 35.87
N LEU B 48 3.64 -18.21 36.09
CA LEU B 48 2.79 -18.13 37.29
C LEU B 48 3.44 -19.05 38.32
N SER B 49 4.60 -18.60 38.80
CA SER B 49 5.39 -19.33 39.79
C SER B 49 5.91 -18.27 40.75
N ASP B 50 6.22 -18.69 41.97
CA ASP B 50 6.72 -17.78 43.00
C ASP B 50 8.19 -17.40 42.81
N LYS B 51 8.84 -18.08 41.86
CA LYS B 51 10.25 -17.85 41.52
C LYS B 51 10.41 -16.67 40.54
N THR B 52 9.32 -16.33 39.85
CA THR B 52 9.28 -15.23 38.86
C THR B 52 9.49 -13.87 39.52
N VAL B 53 10.37 -13.06 38.93
CA VAL B 53 10.67 -11.72 39.45
C VAL B 53 9.50 -10.79 39.06
N LYS B 54 8.74 -10.41 40.09
CA LYS B 54 7.56 -9.57 39.94
C LYS B 54 7.82 -8.07 40.16
N PRO B 55 6.98 -7.19 39.56
CA PRO B 55 7.17 -5.75 39.76
C PRO B 55 6.82 -5.27 41.16
N LEU B 56 7.47 -4.18 41.57
CA LEU B 56 7.22 -3.60 42.88
C LEU B 56 5.88 -2.85 42.88
N TYR B 57 5.52 -2.30 41.72
CA TYR B 57 4.27 -1.55 41.52
C TYR B 57 3.62 -1.84 40.17
N ILE B 58 2.30 -1.75 40.13
CA ILE B 58 1.54 -1.90 38.89
C ILE B 58 0.67 -0.66 38.83
N ILE B 59 0.73 0.02 37.69
CA ILE B 59 -0.03 1.24 37.44
C ILE B 59 -1.05 0.93 36.33
N THR B 60 -2.32 1.28 36.55
CA THR B 60 -3.37 1.07 35.55
C THR B 60 -3.96 2.44 35.15
N PRO B 61 -3.36 3.10 34.13
CA PRO B 61 -3.83 4.41 33.64
C PRO B 61 -5.18 4.41 32.92
N THR B 62 -5.86 5.55 32.96
CA THR B 62 -7.14 5.73 32.28
C THR B 62 -7.11 6.99 31.42
N ASN B 63 -6.01 7.73 31.50
CA ASN B 63 -5.77 8.98 30.76
C ASN B 63 -4.27 9.01 30.43
N ALA B 64 -3.92 9.71 29.34
CA ALA B 64 -2.52 9.82 28.89
C ALA B 64 -1.58 10.52 29.88
N SER B 65 -2.11 11.46 30.67
CA SER B 65 -1.31 12.18 31.67
C SER B 65 -0.80 11.26 32.78
N HIS B 66 -1.47 10.13 32.98
CA HIS B 66 -1.09 9.15 34.00
C HIS B 66 0.18 8.43 33.55
N ILE B 67 0.25 8.10 32.26
CA ILE B 67 1.44 7.43 31.67
C ILE B 67 2.61 8.43 31.70
N GLN B 68 2.32 9.69 31.36
CA GLN B 68 3.32 10.76 31.36
C GLN B 68 3.89 10.96 32.76
N ALA B 69 3.02 10.93 33.77
CA ALA B 69 3.42 11.09 35.17
C ALA B 69 4.30 9.91 35.63
N ALA B 70 3.93 8.71 35.19
CA ALA B 70 4.65 7.47 35.51
C ALA B 70 6.10 7.50 35.02
N VAL B 71 6.29 7.96 33.78
CA VAL B 71 7.60 8.07 33.14
C VAL B 71 8.46 9.13 33.85
N VAL B 72 7.89 10.31 34.08
CA VAL B 72 8.58 11.42 34.77
C VAL B 72 8.95 11.03 36.20
N CYS B 73 8.02 10.34 36.89
CA CYS B 73 8.25 9.87 38.26
C CYS B 73 9.30 8.77 38.26
N GLY B 74 9.27 7.94 37.23
CA GLY B 74 10.21 6.84 37.10
C GLY B 74 11.66 7.25 36.85
N ARG B 75 11.83 8.31 36.06
CA ARG B 75 13.15 8.84 35.71
C ARG B 75 13.80 9.59 36.86
N ARG B 76 12.97 10.28 37.63
CA ARG B 76 13.39 11.08 38.78
C ARG B 76 13.76 10.22 39.99
N HIS B 77 13.07 9.08 40.14
CA HIS B 77 13.29 8.19 41.27
C HIS B 77 14.02 6.88 40.97
N GLY B 78 14.45 6.72 39.71
CA GLY B 78 15.19 5.54 39.31
C GLY B 78 14.43 4.24 39.15
N MET B 79 13.13 4.34 38.83
CA MET B 79 12.28 3.18 38.64
C MET B 79 11.95 2.98 37.16
N ARG B 80 12.41 1.86 36.62
CA ARG B 80 12.15 1.51 35.22
C ARG B 80 10.73 0.98 35.04
N ILE B 81 10.20 1.13 33.82
CA ILE B 81 8.85 0.70 33.50
C ILE B 81 8.83 -0.32 32.38
N ARG B 82 8.01 -1.36 32.57
CA ARG B 82 7.79 -2.40 31.57
C ARG B 82 6.29 -2.29 31.31
N VAL B 83 5.92 -1.87 30.10
CA VAL B 83 4.52 -1.71 29.75
C VAL B 83 3.83 -3.00 29.29
N ARG B 84 2.57 -3.16 29.68
CA ARG B 84 1.79 -4.34 29.31
C ARG B 84 0.42 -3.96 28.73
N SER B 85 0.05 -4.64 27.64
CA SER B 85 -1.24 -4.42 27.00
C SER B 85 -2.10 -5.66 27.15
N GLY B 86 -1.85 -6.69 26.33
CA GLY B 86 -2.62 -7.92 26.40
C GLY B 86 -1.90 -9.04 27.11
N GLY B 87 -0.62 -8.80 27.40
CA GLY B 87 0.21 -9.79 28.09
C GLY B 87 0.59 -11.06 27.35
N HIS B 88 0.40 -11.08 26.03
CA HIS B 88 0.66 -12.25 25.19
C HIS B 88 2.16 -12.59 24.99
N ASP B 89 3.07 -11.72 25.47
CA ASP B 89 4.53 -11.91 25.27
C ASP B 89 4.94 -13.30 25.72
N TYR B 90 5.47 -14.05 24.76
CA TYR B 90 5.90 -15.44 24.95
C TYR B 90 6.88 -15.70 26.08
N GLU B 91 7.75 -14.73 26.33
CA GLU B 91 8.75 -14.82 27.39
C GLU B 91 8.40 -13.93 28.58
N GLY B 92 7.14 -13.48 28.56
CA GLY B 92 6.56 -12.64 29.60
C GLY B 92 7.23 -11.34 30.03
N LEU B 93 8.03 -10.75 29.14
CA LEU B 93 8.79 -9.53 29.41
C LEU B 93 8.00 -8.26 29.75
N SER B 94 6.69 -8.33 29.56
CA SER B 94 5.80 -7.21 29.87
C SER B 94 5.40 -7.19 31.35
N TYR B 95 5.58 -8.31 32.06
CA TYR B 95 5.20 -8.41 33.46
C TYR B 95 6.23 -9.03 34.41
N ARG B 96 7.35 -9.46 33.86
CA ARG B 96 8.44 -10.07 34.63
C ARG B 96 9.82 -9.57 34.19
N SER B 97 10.84 -10.01 34.91
CA SER B 97 12.23 -9.72 34.62
C SER B 97 12.92 -11.07 34.75
N GLU B 98 13.96 -11.32 33.95
CA GLU B 98 14.70 -12.59 34.00
C GLU B 98 15.50 -12.72 35.31
N LYS B 99 16.22 -11.65 35.65
CA LYS B 99 17.05 -11.58 36.85
C LYS B 99 16.50 -10.49 37.78
N PRO B 100 16.76 -10.57 39.12
CA PRO B 100 16.27 -9.56 40.09
C PRO B 100 16.59 -8.12 39.68
N GLU B 101 15.55 -7.29 39.59
CA GLU B 101 15.67 -5.89 39.16
C GLU B 101 14.44 -5.10 39.64
N PRO B 102 14.63 -3.86 40.12
CA PRO B 102 13.47 -3.07 40.57
C PRO B 102 12.75 -2.44 39.37
N PHE B 103 11.46 -2.72 39.21
CA PHE B 103 10.67 -2.16 38.12
C PHE B 103 9.19 -2.07 38.47
N ALA B 104 8.47 -1.31 37.65
CA ALA B 104 7.02 -1.11 37.78
C ALA B 104 6.38 -1.43 36.44
N VAL B 105 5.16 -1.95 36.47
CA VAL B 105 4.45 -2.27 35.23
C VAL B 105 3.32 -1.28 34.98
N VAL B 106 3.28 -0.76 33.76
CA VAL B 106 2.20 0.12 33.34
C VAL B 106 1.27 -0.79 32.53
N ASP B 107 0.15 -1.14 33.15
CA ASP B 107 -0.85 -2.01 32.55
C ASP B 107 -1.87 -1.14 31.83
N MET B 108 -2.00 -1.36 30.53
CA MET B 108 -2.89 -0.59 29.65
C MET B 108 -4.32 -1.08 29.48
N ASN B 109 -4.68 -2.23 30.08
CA ASN B 109 -6.00 -2.86 29.92
C ASN B 109 -7.28 -2.01 30.09
N LYS B 110 -7.21 -0.94 30.87
CA LYS B 110 -8.37 -0.06 31.11
C LYS B 110 -8.54 1.00 30.03
N MET B 111 -7.52 1.17 29.19
CA MET B 111 -7.55 2.10 28.06
C MET B 111 -7.80 1.18 26.88
N ARG B 112 -9.09 0.93 26.61
CA ARG B 112 -9.51 0.01 25.56
C ARG B 112 -10.46 0.57 24.49
N ALA B 113 -10.51 1.90 24.40
CA ALA B 113 -11.36 2.61 23.44
C ALA B 113 -11.01 2.36 21.96
N VAL B 114 -12.06 2.07 21.17
CA VAL B 114 -11.94 1.83 19.74
C VAL B 114 -12.90 2.85 19.14
N SER B 115 -12.34 3.95 18.63
CA SER B 115 -13.12 5.04 18.04
C SER B 115 -13.05 5.02 16.52
N ILE B 116 -14.17 4.63 15.90
CA ILE B 116 -14.28 4.56 14.44
C ILE B 116 -14.76 5.90 13.84
N ASP B 117 -14.02 6.38 12.83
CA ASP B 117 -14.37 7.59 12.09
C ASP B 117 -15.06 7.00 10.85
N GLY B 118 -16.38 6.87 10.95
CA GLY B 118 -17.21 6.27 9.91
C GLY B 118 -17.11 6.82 8.50
N LYS B 119 -16.89 8.13 8.40
CA LYS B 119 -16.76 8.80 7.10
C LYS B 119 -15.35 8.85 6.51
N ALA B 120 -14.38 8.24 7.19
CA ALA B 120 -13.01 8.20 6.69
C ALA B 120 -12.43 6.79 6.69
N ALA B 121 -13.19 5.83 7.24
CA ALA B 121 -12.79 4.43 7.39
C ALA B 121 -11.45 4.28 8.11
N THR B 122 -11.28 5.10 9.14
CA THR B 122 -10.10 5.11 9.98
C THR B 122 -10.56 4.90 11.42
N ALA B 123 -9.63 4.49 12.29
CA ALA B 123 -9.96 4.25 13.68
C ALA B 123 -8.82 4.56 14.62
N TRP B 124 -9.15 5.17 15.76
CA TRP B 124 -8.19 5.44 16.81
C TRP B 124 -8.42 4.34 17.84
N VAL B 125 -7.46 3.43 17.95
CA VAL B 125 -7.56 2.31 18.87
C VAL B 125 -6.48 2.36 19.96
N ASP B 126 -6.93 2.29 21.22
CA ASP B 126 -6.04 2.30 22.37
C ASP B 126 -5.23 1.02 22.40
N SER B 127 -4.01 1.11 22.93
CA SER B 127 -3.09 -0.03 23.04
C SER B 127 -3.57 -1.14 23.94
N GLY B 128 -4.41 -0.79 24.92
CA GLY B 128 -4.94 -1.75 25.87
C GLY B 128 -6.09 -2.58 25.35
N ALA B 129 -6.59 -2.23 24.16
CA ALA B 129 -7.67 -2.98 23.54
C ALA B 129 -7.11 -4.29 22.99
N GLN B 130 -7.92 -5.33 23.06
CA GLN B 130 -7.48 -6.60 22.50
C GLN B 130 -7.98 -6.61 21.07
N LEU B 131 -7.45 -7.51 20.25
CA LEU B 131 -7.85 -7.58 18.84
C LEU B 131 -9.34 -7.84 18.68
N GLY B 132 -9.92 -8.50 19.69
CA GLY B 132 -11.34 -8.78 19.72
C GLY B 132 -12.17 -7.51 19.81
N ASP B 133 -11.71 -6.53 20.61
CA ASP B 133 -12.40 -5.24 20.75
C ASP B 133 -12.36 -4.48 19.43
N LEU B 134 -11.22 -4.56 18.74
CA LEU B 134 -11.01 -3.88 17.46
C LEU B 134 -11.92 -4.47 16.38
N TYR B 135 -11.85 -5.79 16.21
CA TYR B 135 -12.65 -6.53 15.24
C TYR B 135 -14.14 -6.34 15.40
N TYR B 136 -14.61 -6.44 16.66
CA TYR B 136 -16.01 -6.27 17.02
C TYR B 136 -16.45 -4.83 16.73
N GLY B 137 -15.59 -3.87 17.07
CA GLY B 137 -15.86 -2.45 16.85
C GLY B 137 -16.07 -2.09 15.40
N ILE B 138 -15.22 -2.67 14.54
CA ILE B 138 -15.25 -2.47 13.09
C ILE B 138 -16.54 -3.07 12.50
N ALA B 139 -16.84 -4.31 12.91
CA ALA B 139 -18.02 -5.04 12.47
C ALA B 139 -19.34 -4.33 12.75
N LYS B 140 -19.43 -3.71 13.92
CA LYS B 140 -20.64 -2.97 14.32
C LYS B 140 -20.79 -1.66 13.55
N ALA B 141 -19.69 -1.21 12.94
CA ALA B 141 -19.68 0.02 12.15
C ALA B 141 -19.93 -0.26 10.67
N SER B 142 -19.48 -1.42 10.21
CA SER B 142 -19.63 -1.84 8.81
C SER B 142 -19.45 -3.33 8.53
N PRO B 143 -20.26 -3.89 7.60
CA PRO B 143 -20.16 -5.32 7.25
C PRO B 143 -19.08 -5.53 6.19
N LYS B 144 -18.64 -4.43 5.57
CA LYS B 144 -17.64 -4.45 4.49
C LYS B 144 -16.22 -4.00 4.86
N LEU B 145 -15.97 -3.73 6.14
CA LEU B 145 -14.63 -3.34 6.59
C LEU B 145 -13.96 -4.39 7.45
N GLY B 146 -12.64 -4.44 7.34
CA GLY B 146 -11.84 -5.38 8.09
C GLY B 146 -10.49 -4.78 8.43
N PHE B 147 -9.68 -5.54 9.16
CA PHE B 147 -8.34 -5.13 9.53
C PHE B 147 -7.40 -6.35 9.59
N PRO B 148 -6.21 -6.22 8.96
CA PRO B 148 -5.22 -7.31 8.93
C PRO B 148 -4.35 -7.47 10.19
N ALA B 149 -4.89 -8.12 11.22
CA ALA B 149 -4.13 -8.35 12.46
C ALA B 149 -4.08 -9.85 12.77
N GLY B 150 -3.65 -10.19 13.99
CA GLY B 150 -3.53 -11.59 14.39
C GLY B 150 -4.81 -12.41 14.52
N VAL B 151 -4.62 -13.72 14.63
CA VAL B 151 -5.68 -14.72 14.74
C VAL B 151 -6.31 -14.74 16.14
N CYS B 152 -5.44 -14.83 17.15
CA CYS B 152 -5.82 -14.88 18.58
C CYS B 152 -6.52 -13.60 19.05
N THR B 153 -7.71 -13.79 19.61
CA THR B 153 -8.57 -12.72 20.11
C THR B 153 -8.03 -11.80 21.24
N THR B 154 -7.38 -12.42 22.23
CA THR B 154 -6.87 -11.72 23.39
C THR B 154 -5.57 -10.93 23.30
N ILE B 155 -4.94 -10.94 22.12
CA ILE B 155 -3.69 -10.20 21.92
C ILE B 155 -3.95 -8.70 22.07
N GLY B 156 -3.09 -8.03 22.83
CA GLY B 156 -3.22 -6.60 23.01
C GLY B 156 -2.68 -5.88 21.79
N VAL B 157 -3.32 -4.77 21.44
CA VAL B 157 -2.95 -3.94 20.29
C VAL B 157 -1.52 -3.38 20.46
N GLY B 158 -1.17 -3.03 21.70
CA GLY B 158 0.13 -2.46 22.04
C GLY B 158 1.35 -3.24 21.63
N GLY B 159 1.47 -4.49 22.08
CA GLY B 159 2.61 -5.33 21.72
C GLY B 159 2.54 -5.87 20.30
N HIS B 160 1.33 -6.15 19.84
CA HIS B 160 1.05 -6.70 18.51
C HIS B 160 1.51 -5.81 17.36
N PHE B 161 0.98 -4.58 17.33
CA PHE B 161 1.28 -3.60 16.29
C PHE B 161 2.75 -3.20 16.31
N SER B 162 3.30 -3.10 17.54
CA SER B 162 4.70 -2.75 17.77
C SER B 162 5.66 -3.74 17.13
N GLY B 163 5.23 -4.99 17.04
CA GLY B 163 6.05 -6.03 16.43
C GLY B 163 5.68 -6.40 15.01
N GLY B 164 4.76 -5.64 14.42
CA GLY B 164 4.31 -5.91 13.06
C GLY B 164 2.89 -6.44 13.10
N GLY B 165 2.75 -7.72 13.41
CA GLY B 165 1.45 -8.36 13.51
C GLY B 165 0.84 -8.90 12.24
N PHE B 166 0.64 -10.22 12.16
CA PHE B 166 0.03 -10.81 10.97
C PHE B 166 -0.96 -11.92 11.25
N GLY B 167 -1.86 -12.13 10.30
CA GLY B 167 -2.87 -13.16 10.42
C GLY B 167 -3.36 -13.60 9.06
N MET B 168 -4.64 -13.95 9.00
CA MET B 168 -5.28 -14.43 7.77
C MET B 168 -5.40 -13.49 6.58
N LEU B 169 -5.20 -12.20 6.79
CA LEU B 169 -5.27 -11.21 5.71
C LEU B 169 -3.92 -10.65 5.27
N LEU B 170 -2.82 -11.28 5.70
CA LEU B 170 -1.46 -10.83 5.37
C LEU B 170 -1.11 -10.78 3.87
N ARG B 171 -1.65 -11.72 3.10
CA ARG B 171 -1.38 -11.80 1.66
C ARG B 171 -2.14 -10.76 0.85
N LYS B 172 -3.11 -10.11 1.50
CA LYS B 172 -3.89 -9.08 0.83
C LYS B 172 -3.49 -7.68 1.29
N TYR B 173 -3.32 -7.50 2.61
CA TYR B 173 -2.99 -6.19 3.13
C TYR B 173 -1.70 -6.04 3.95
N GLY B 174 -0.87 -7.08 3.98
CA GLY B 174 0.36 -7.00 4.73
C GLY B 174 0.18 -7.16 6.24
N THR B 175 1.06 -6.49 7.00
CA THR B 175 1.02 -6.54 8.46
C THR B 175 0.06 -5.49 9.04
N ALA B 176 -0.16 -5.55 10.35
CA ALA B 176 -1.03 -4.58 11.04
C ALA B 176 -0.35 -3.21 11.02
N ALA B 177 0.97 -3.24 11.23
CA ALA B 177 1.83 -2.06 11.25
C ALA B 177 1.91 -1.33 9.91
N ASP B 178 1.77 -2.10 8.81
CA ASP B 178 1.77 -1.57 7.44
C ASP B 178 0.55 -0.66 7.21
N ASN B 179 -0.44 -0.78 8.09
CA ASN B 179 -1.69 -0.02 8.01
C ASN B 179 -1.90 1.00 9.12
N VAL B 180 -0.83 1.34 9.85
CA VAL B 180 -0.85 2.34 10.89
C VAL B 180 -0.48 3.67 10.21
N ILE B 181 -1.33 4.69 10.40
CA ILE B 181 -1.14 6.00 9.78
C ILE B 181 -0.73 7.15 10.73
N ASP B 182 -1.02 6.97 12.02
CA ASP B 182 -0.67 7.93 13.08
C ASP B 182 -0.68 7.15 14.40
N ALA B 183 -0.06 7.73 15.43
CA ALA B 183 0.02 7.12 16.76
C ALA B 183 0.32 8.19 17.80
N LYS B 184 0.01 7.90 19.06
CA LYS B 184 0.28 8.80 20.18
C LYS B 184 1.24 8.03 21.08
N VAL B 185 2.44 8.59 21.28
CA VAL B 185 3.47 7.94 22.10
C VAL B 185 3.99 8.84 23.24
N VAL B 186 4.36 8.20 24.34
CA VAL B 186 4.94 8.86 25.49
C VAL B 186 6.43 8.45 25.49
N ASP B 187 7.31 9.42 25.25
CA ASP B 187 8.77 9.19 25.19
C ASP B 187 9.48 9.10 26.55
N ALA B 188 10.82 9.04 26.50
CA ALA B 188 11.66 8.94 27.70
C ALA B 188 11.65 10.17 28.61
N GLN B 189 11.09 11.26 28.11
CA GLN B 189 11.00 12.50 28.88
C GLN B 189 9.57 12.81 29.33
N GLY B 190 8.65 11.89 29.02
CA GLY B 190 7.26 12.07 29.41
C GLY B 190 6.43 12.99 28.54
N ARG B 191 6.88 13.25 27.32
CA ARG B 191 6.15 14.11 26.37
C ARG B 191 5.16 13.24 25.59
N LEU B 192 3.98 13.79 25.29
CA LEU B 192 2.98 13.07 24.50
C LEU B 192 3.18 13.54 23.06
N LEU B 193 3.58 12.62 22.20
CA LEU B 193 3.88 12.91 20.79
C LEU B 193 3.08 12.13 19.75
N ASP B 194 2.67 12.82 18.68
CA ASP B 194 1.96 12.17 17.58
C ASP B 194 2.96 11.98 16.41
N ARG B 195 2.48 11.57 15.23
CA ARG B 195 3.36 11.34 14.06
C ARG B 195 4.22 12.56 13.70
N LYS B 196 3.58 13.72 13.60
CA LYS B 196 4.27 14.97 13.25
C LYS B 196 5.26 15.46 14.30
N ALA B 197 4.92 15.25 15.57
CA ALA B 197 5.79 15.67 16.67
C ALA B 197 6.96 14.73 16.99
N MET B 198 6.77 13.42 16.75
CA MET B 198 7.81 12.43 17.03
C MET B 198 8.90 12.30 15.95
N GLY B 199 8.54 12.63 14.71
CA GLY B 199 9.49 12.55 13.60
C GLY B 199 9.42 11.24 12.82
N GLU B 200 10.08 11.21 11.66
CA GLU B 200 10.09 10.03 10.78
C GLU B 200 10.70 8.76 11.35
N ASP B 201 11.87 8.89 11.97
CA ASP B 201 12.60 7.77 12.57
C ASP B 201 11.82 7.04 13.67
N HIS B 202 11.25 7.84 14.58
CA HIS B 202 10.47 7.35 15.72
C HIS B 202 9.18 6.67 15.28
N PHE B 203 8.52 7.22 14.25
CA PHE B 203 7.28 6.66 13.73
C PHE B 203 7.52 5.36 12.96
N TRP B 204 8.66 5.31 12.29
CA TRP B 204 9.08 4.14 11.53
C TRP B 204 9.36 3.01 12.54
N ALA B 205 10.07 3.36 13.62
CA ALA B 205 10.47 2.42 14.68
C ALA B 205 9.37 1.62 15.38
N ILE B 206 8.28 2.30 15.76
CA ILE B 206 7.16 1.66 16.45
C ILE B 206 6.30 0.76 15.57
N ARG B 207 6.49 0.87 14.24
CA ARG B 207 5.74 0.08 13.27
C ARG B 207 6.42 -1.24 12.88
N GLY B 208 6.88 -1.99 13.88
CA GLY B 208 7.53 -3.27 13.61
C GLY B 208 8.83 -3.49 14.36
N GLY B 209 9.28 -2.45 15.08
CA GLY B 209 10.53 -2.53 15.83
C GLY B 209 10.49 -3.18 17.19
N GLY B 210 9.35 -3.79 17.53
CA GLY B 210 9.20 -4.46 18.81
C GLY B 210 8.68 -3.50 19.86
N GLY B 211 8.09 -4.07 20.92
CA GLY B 211 7.58 -3.24 22.00
C GLY B 211 8.63 -2.79 22.98
N GLU B 212 8.19 -1.94 23.93
CA GLU B 212 9.00 -1.38 25.00
C GLU B 212 10.05 -0.33 24.64
N SER B 213 11.01 -0.72 23.80
CA SER B 213 12.15 0.09 23.37
C SER B 213 11.97 1.56 23.02
N PHE B 214 10.91 1.86 22.27
CA PHE B 214 10.68 3.21 21.82
C PHE B 214 9.63 4.02 22.57
N GLY B 215 9.33 3.60 23.80
CA GLY B 215 8.34 4.30 24.58
C GLY B 215 7.03 3.58 24.72
N ILE B 216 6.10 4.21 25.43
CA ILE B 216 4.78 3.63 25.65
C ILE B 216 3.81 4.21 24.63
N VAL B 217 3.35 3.37 23.71
CA VAL B 217 2.38 3.82 22.72
C VAL B 217 1.00 3.76 23.38
N ALA B 218 0.35 4.92 23.46
CA ALA B 218 -0.97 5.05 24.07
C ALA B 218 -2.10 4.60 23.15
N SER B 219 -2.07 5.08 21.90
CA SER B 219 -3.08 4.76 20.90
C SER B 219 -2.48 4.77 19.50
N TRP B 220 -3.17 4.09 18.58
CA TRP B 220 -2.75 3.96 17.18
C TRP B 220 -3.92 4.26 16.25
N GLN B 221 -3.64 5.02 15.19
CA GLN B 221 -4.67 5.31 14.20
C GLN B 221 -4.42 4.37 13.04
N VAL B 222 -5.45 3.61 12.69
CA VAL B 222 -5.36 2.65 11.63
C VAL B 222 -6.31 2.90 10.48
N LYS B 223 -5.93 2.37 9.32
CA LYS B 223 -6.71 2.46 8.10
C LYS B 223 -7.51 1.15 8.05
N LEU B 224 -8.84 1.26 7.99
CA LEU B 224 -9.70 0.09 7.91
C LEU B 224 -9.82 -0.22 6.43
N LEU B 225 -9.69 -1.50 6.09
CA LEU B 225 -9.69 -1.96 4.70
C LEU B 225 -10.91 -2.78 4.26
N PRO B 226 -11.21 -2.82 2.93
CA PRO B 226 -12.37 -3.59 2.46
C PRO B 226 -12.25 -5.09 2.46
N VAL B 227 -13.38 -5.73 2.75
CA VAL B 227 -13.50 -7.18 2.75
C VAL B 227 -14.86 -7.43 2.07
N PRO B 228 -14.98 -8.53 1.28
CA PRO B 228 -16.25 -8.85 0.60
C PRO B 228 -17.37 -9.09 1.62
N PRO B 229 -18.65 -9.00 1.19
CA PRO B 229 -19.75 -9.24 2.15
C PRO B 229 -19.86 -10.69 2.60
N LYS B 230 -19.10 -11.56 1.93
CA LYS B 230 -19.07 -12.99 2.21
C LYS B 230 -17.65 -13.54 1.96
N VAL B 231 -17.14 -14.31 2.92
CA VAL B 231 -15.81 -14.93 2.80
C VAL B 231 -16.00 -16.45 2.85
N THR B 232 -14.96 -17.20 2.49
CA THR B 232 -15.04 -18.66 2.52
C THR B 232 -13.90 -19.28 3.33
N VAL B 233 -14.26 -20.23 4.20
CA VAL B 233 -13.29 -20.94 5.03
C VAL B 233 -13.34 -22.44 4.73
N PHE B 234 -12.16 -23.07 4.66
CA PHE B 234 -12.06 -24.52 4.47
C PHE B 234 -10.96 -25.12 5.32
N GLN B 235 -11.25 -26.30 5.88
CA GLN B 235 -10.30 -27.06 6.72
C GLN B 235 -10.23 -28.47 6.14
N VAL B 236 -9.06 -28.81 5.57
CA VAL B 236 -8.82 -30.11 4.97
C VAL B 236 -7.78 -30.86 5.81
N HIS B 237 -8.16 -32.04 6.30
CA HIS B 237 -7.28 -32.88 7.12
C HIS B 237 -6.68 -33.98 6.25
N LYS B 238 -5.35 -34.12 6.29
CA LYS B 238 -4.63 -35.12 5.51
C LYS B 238 -3.58 -35.85 6.35
N GLY B 239 -3.66 -37.18 6.38
CA GLY B 239 -2.73 -38.00 7.12
C GLY B 239 -1.55 -38.36 6.23
N ILE B 240 -0.54 -39.04 6.78
CA ILE B 240 0.65 -39.46 6.04
C ILE B 240 0.28 -40.46 4.96
N LYS B 241 -0.70 -41.33 5.27
CA LYS B 241 -1.20 -42.37 4.37
C LYS B 241 -1.85 -41.79 3.11
N GLU B 242 -2.49 -40.64 3.26
CA GLU B 242 -3.18 -39.94 2.17
C GLU B 242 -2.26 -39.06 1.29
N GLY B 243 -1.01 -38.91 1.71
CA GLY B 243 -0.05 -38.12 0.97
C GLY B 243 0.16 -36.70 1.47
N ALA B 244 0.16 -36.52 2.79
CA ALA B 244 0.34 -35.21 3.43
C ALA B 244 1.70 -34.59 3.10
N ILE B 245 2.73 -35.42 3.12
CA ILE B 245 4.10 -35.01 2.83
C ILE B 245 4.28 -34.50 1.39
N ASP B 246 3.51 -35.07 0.43
CA ASP B 246 3.56 -34.65 -0.97
C ASP B 246 2.86 -33.30 -1.15
N LEU B 247 1.78 -33.12 -0.40
CA LEU B 247 0.97 -31.92 -0.41
C LEU B 247 1.69 -30.71 0.20
N VAL B 248 2.41 -30.95 1.30
CA VAL B 248 3.18 -29.93 2.00
C VAL B 248 4.36 -29.45 1.12
N THR B 249 4.90 -30.36 0.32
CA THR B 249 6.02 -30.07 -0.59
C THR B 249 5.57 -29.16 -1.76
N LYS B 250 4.39 -29.45 -2.32
CA LYS B 250 3.82 -28.69 -3.44
C LYS B 250 3.30 -27.32 -2.95
N TRP B 251 2.82 -27.30 -1.71
CA TRP B 251 2.28 -26.09 -1.07
C TRP B 251 3.32 -24.96 -0.95
N GLN B 252 4.58 -25.33 -0.73
CA GLN B 252 5.71 -24.37 -0.57
C GLN B 252 5.86 -23.40 -1.72
N THR B 253 5.59 -23.91 -2.93
CA THR B 253 5.70 -23.13 -4.15
C THR B 253 4.35 -22.58 -4.66
N VAL B 254 3.26 -23.29 -4.38
CA VAL B 254 1.92 -22.89 -4.82
C VAL B 254 1.31 -21.79 -3.95
N ALA B 255 1.30 -21.99 -2.63
CA ALA B 255 0.71 -21.01 -1.70
C ALA B 255 1.17 -19.55 -1.73
N PRO B 256 2.51 -19.27 -1.82
CA PRO B 256 2.94 -17.87 -1.86
C PRO B 256 2.74 -17.17 -3.21
N ALA B 257 2.38 -17.95 -4.24
CA ALA B 257 2.16 -17.43 -5.59
C ALA B 257 0.68 -17.37 -5.98
N LEU B 258 -0.20 -17.70 -5.02
CA LEU B 258 -1.64 -17.68 -5.23
C LEU B 258 -2.17 -16.23 -5.26
N PRO B 259 -3.37 -15.99 -5.86
CA PRO B 259 -3.89 -14.61 -5.88
C PRO B 259 -4.05 -14.06 -4.46
N ASP B 260 -3.84 -12.76 -4.30
CA ASP B 260 -3.89 -12.09 -3.00
C ASP B 260 -5.13 -12.29 -2.11
N ASP B 261 -6.19 -12.83 -2.70
CA ASP B 261 -7.45 -13.11 -2.00
C ASP B 261 -7.46 -14.45 -1.23
N LEU B 262 -6.49 -15.32 -1.51
CA LEU B 262 -6.42 -16.63 -0.86
C LEU B 262 -5.22 -16.86 0.05
N MET B 263 -5.50 -17.38 1.23
CA MET B 263 -4.49 -17.66 2.25
C MET B 263 -4.68 -19.10 2.74
N ILE B 264 -3.69 -19.97 2.51
CA ILE B 264 -3.74 -21.37 2.95
C ILE B 264 -2.66 -21.63 4.01
N ARG B 265 -3.09 -21.73 5.26
CA ARG B 265 -2.20 -22.00 6.42
C ARG B 265 -2.11 -23.52 6.65
N ILE B 266 -0.96 -24.01 7.13
CA ILE B 266 -0.78 -25.43 7.46
C ILE B 266 -0.51 -25.54 8.96
N MET B 267 -1.13 -26.55 9.57
CA MET B 267 -0.92 -26.86 10.97
C MET B 267 -0.48 -28.32 10.97
N ALA B 268 0.83 -28.53 11.13
CA ALA B 268 1.41 -29.87 11.14
C ALA B 268 1.54 -30.38 12.56
N MET B 269 0.86 -31.49 12.84
CA MET B 269 0.87 -32.12 14.16
C MET B 269 0.69 -33.63 14.08
N GLY B 270 1.49 -34.33 14.88
CA GLY B 270 1.46 -35.79 14.94
C GLY B 270 1.81 -36.48 13.65
N GLN B 271 0.79 -37.05 13.01
CA GLN B 271 0.90 -37.74 11.74
C GLN B 271 -0.10 -37.14 10.75
N GLY B 272 -0.48 -35.88 11.01
CA GLY B 272 -1.43 -35.20 10.14
C GLY B 272 -1.04 -33.77 9.79
N ALA B 273 -1.72 -33.22 8.79
CA ALA B 273 -1.48 -31.86 8.34
C ALA B 273 -2.83 -31.26 7.99
N MET B 274 -3.19 -30.20 8.71
CA MET B 274 -4.44 -29.50 8.50
C MET B 274 -4.20 -28.28 7.61
N PHE B 275 -4.89 -28.25 6.47
CA PHE B 275 -4.80 -27.14 5.53
C PHE B 275 -6.01 -26.27 5.82
N GLU B 276 -5.74 -25.08 6.35
CA GLU B 276 -6.79 -24.13 6.71
C GLU B 276 -6.73 -22.88 5.84
N ALA B 277 -7.85 -22.53 5.23
CA ALA B 277 -7.89 -21.36 4.37
C ALA B 277 -8.97 -20.31 4.57
N LEU B 278 -8.65 -19.11 4.13
CA LEU B 278 -9.57 -17.97 4.15
C LEU B 278 -9.48 -17.34 2.75
N TYR B 279 -10.60 -17.37 2.05
CA TYR B 279 -10.69 -16.80 0.72
C TYR B 279 -11.61 -15.58 0.76
N LEU B 280 -11.12 -14.49 0.20
CA LEU B 280 -11.89 -13.25 0.12
C LEU B 280 -12.77 -13.31 -1.13
N GLY B 281 -13.84 -14.08 -1.00
CA GLY B 281 -14.78 -14.26 -2.09
C GLY B 281 -15.72 -15.39 -1.76
N THR B 282 -16.33 -15.96 -2.80
CA THR B 282 -17.31 -17.04 -2.65
C THR B 282 -16.80 -18.45 -3.00
N CYS B 283 -17.64 -19.43 -2.70
CA CYS B 283 -17.37 -20.84 -2.97
C CYS B 283 -17.28 -21.13 -4.48
N LYS B 284 -18.11 -20.46 -5.28
CA LYS B 284 -18.15 -20.65 -6.74
C LYS B 284 -16.87 -20.24 -7.46
N ASP B 285 -16.23 -19.17 -6.98
CA ASP B 285 -14.98 -18.69 -7.56
C ASP B 285 -13.77 -19.46 -7.01
N LEU B 286 -13.87 -19.91 -5.76
CA LEU B 286 -12.82 -20.66 -5.08
C LEU B 286 -12.59 -22.06 -5.66
N VAL B 287 -13.68 -22.80 -5.92
CA VAL B 287 -13.58 -24.16 -6.45
C VAL B 287 -12.81 -24.28 -7.76
N LEU B 288 -13.04 -23.32 -8.67
CA LEU B 288 -12.35 -23.31 -9.97
C LEU B 288 -10.86 -23.01 -9.74
N LEU B 289 -10.58 -22.02 -8.90
CA LEU B 289 -9.22 -21.57 -8.57
C LEU B 289 -8.38 -22.72 -7.98
N MET B 290 -8.96 -23.42 -7.02
CA MET B 290 -8.31 -24.55 -6.35
C MET B 290 -8.14 -25.77 -7.24
N THR B 291 -8.95 -25.88 -8.30
CA THR B 291 -8.85 -27.00 -9.24
C THR B 291 -7.78 -26.70 -10.31
N ALA B 292 -7.54 -25.42 -10.57
CA ALA B 292 -6.56 -24.99 -11.57
C ALA B 292 -5.13 -24.81 -11.02
N ARG B 293 -5.03 -24.44 -9.74
CA ARG B 293 -3.74 -24.19 -9.10
C ARG B 293 -3.24 -25.24 -8.13
N PHE B 294 -4.16 -25.91 -7.42
CA PHE B 294 -3.78 -26.93 -6.45
C PHE B 294 -4.81 -28.09 -6.45
N PRO B 295 -4.94 -28.83 -7.59
CA PRO B 295 -5.89 -29.95 -7.73
C PRO B 295 -5.60 -31.10 -6.77
N GLU B 296 -4.32 -31.25 -6.43
CA GLU B 296 -3.79 -32.29 -5.56
C GLU B 296 -4.38 -32.35 -4.15
N LEU B 297 -4.92 -31.23 -3.67
CA LEU B 297 -5.53 -31.15 -2.32
C LEU B 297 -6.90 -31.84 -2.29
N GLY B 298 -7.52 -31.94 -3.47
CA GLY B 298 -8.83 -32.59 -3.59
C GLY B 298 -9.98 -31.87 -2.91
N MET B 299 -9.89 -30.55 -2.87
CA MET B 299 -10.94 -29.76 -2.23
C MET B 299 -12.05 -29.39 -3.21
N ASN B 300 -13.29 -29.51 -2.73
CA ASN B 300 -14.48 -29.21 -3.52
C ASN B 300 -15.50 -28.39 -2.73
N ALA B 301 -16.70 -28.21 -3.29
CA ALA B 301 -17.80 -27.44 -2.69
C ALA B 301 -18.31 -27.85 -1.29
N THR B 302 -18.06 -29.09 -0.87
CA THR B 302 -18.51 -29.57 0.45
C THR B 302 -17.65 -29.07 1.63
N HIS B 303 -16.40 -28.73 1.32
CA HIS B 303 -15.43 -28.24 2.30
C HIS B 303 -15.66 -26.76 2.60
N CYS B 304 -16.43 -26.11 1.73
CA CYS B 304 -16.74 -24.68 1.82
C CYS B 304 -17.72 -24.24 2.89
N LYS B 305 -17.24 -23.38 3.77
CA LYS B 305 -18.05 -22.80 4.83
C LYS B 305 -18.07 -21.28 4.60
N GLU B 306 -19.18 -20.79 4.09
CA GLU B 306 -19.37 -19.36 3.80
C GLU B 306 -19.98 -18.64 5.00
N MET B 307 -19.46 -17.43 5.24
CA MET B 307 -19.89 -16.59 6.36
C MET B 307 -19.39 -15.18 6.10
N THR B 308 -19.77 -14.22 6.95
CA THR B 308 -19.29 -12.84 6.82
C THR B 308 -17.85 -12.80 7.35
N TRP B 309 -17.12 -11.72 7.09
CA TRP B 309 -15.74 -11.60 7.56
C TRP B 309 -15.62 -11.71 9.09
N ILE B 310 -16.51 -11.02 9.81
CA ILE B 310 -16.47 -11.04 11.27
C ILE B 310 -16.77 -12.42 11.86
N GLU B 311 -17.62 -13.19 11.17
CA GLU B 311 -17.96 -14.55 11.62
C GLU B 311 -16.78 -15.50 11.43
N SER B 312 -15.87 -15.17 10.50
CA SER B 312 -14.69 -15.99 10.25
C SER B 312 -13.63 -15.82 11.35
N VAL B 313 -13.67 -14.67 12.02
CA VAL B 313 -12.73 -14.35 13.09
C VAL B 313 -12.78 -15.35 14.27
N PRO B 314 -13.99 -15.68 14.83
CA PRO B 314 -13.98 -16.65 15.94
C PRO B 314 -13.87 -18.08 15.43
N TYR B 315 -14.27 -18.29 14.17
CA TYR B 315 -14.26 -19.61 13.53
C TYR B 315 -12.88 -20.28 13.45
N ILE B 316 -11.85 -19.49 13.13
CA ILE B 316 -10.47 -20.02 13.04
C ILE B 316 -9.74 -20.52 14.30
N PRO B 317 -9.80 -19.80 15.44
CA PRO B 317 -9.20 -20.45 16.61
C PRO B 317 -10.17 -21.19 17.55
N MET B 318 -11.44 -20.80 17.54
CA MET B 318 -12.44 -21.38 18.43
C MET B 318 -13.31 -22.49 17.84
N GLY B 319 -13.41 -22.54 16.51
CA GLY B 319 -14.23 -23.55 15.85
C GLY B 319 -15.67 -23.10 15.56
N PRO B 320 -16.61 -24.04 15.26
CA PRO B 320 -18.02 -23.71 14.97
C PRO B 320 -18.87 -23.17 16.14
N LYS B 321 -18.43 -23.44 17.37
CA LYS B 321 -19.13 -23.00 18.58
C LYS B 321 -18.88 -21.52 18.91
N GLY B 322 -17.78 -20.98 18.38
CA GLY B 322 -17.39 -19.60 18.61
C GLY B 322 -18.30 -18.57 17.99
N THR B 323 -18.85 -17.71 18.85
CA THR B 323 -19.76 -16.64 18.43
C THR B 323 -18.97 -15.32 18.33
N VAL B 324 -19.58 -14.31 17.72
CA VAL B 324 -18.98 -12.99 17.54
C VAL B 324 -18.86 -12.24 18.90
N ARG B 325 -19.76 -12.55 19.83
CA ARG B 325 -19.76 -11.94 21.17
C ARG B 325 -18.54 -12.42 22.01
N ASP B 326 -18.04 -13.60 21.68
CA ASP B 326 -16.91 -14.22 22.35
C ASP B 326 -15.59 -13.48 22.15
N LEU B 327 -15.59 -12.53 21.22
CA LEU B 327 -14.43 -11.71 20.90
C LEU B 327 -14.11 -10.68 22.00
N LEU B 328 -15.10 -10.39 22.85
CA LEU B 328 -14.97 -9.44 23.95
C LEU B 328 -14.47 -10.09 25.26
N ASN B 329 -14.41 -11.43 25.28
CA ASN B 329 -13.94 -12.19 26.46
C ASN B 329 -12.45 -11.90 26.62
N ARG B 330 -12.07 -11.49 27.83
CA ARG B 330 -10.70 -11.15 28.18
C ARG B 330 -9.81 -12.33 28.57
N THR B 331 -10.40 -13.53 28.56
CA THR B 331 -9.71 -14.78 28.89
C THR B 331 -9.39 -15.55 27.62
N SER B 332 -8.16 -16.02 27.51
CA SER B 332 -7.69 -16.78 26.35
C SER B 332 -8.18 -18.22 26.42
N ASN B 333 -8.54 -18.76 25.24
CA ASN B 333 -9.02 -20.14 25.12
C ASN B 333 -7.92 -21.14 25.48
N ILE B 334 -6.67 -20.72 25.31
CA ILE B 334 -5.50 -21.52 25.64
C ILE B 334 -4.91 -20.95 26.93
N LYS B 335 -4.94 -21.76 27.99
CA LYS B 335 -4.40 -21.41 29.30
C LYS B 335 -3.46 -22.57 29.60
N ALA B 336 -2.26 -22.47 29.04
CA ALA B 336 -1.23 -23.50 29.18
C ALA B 336 0.18 -22.94 29.34
N PHE B 337 1.10 -23.82 29.73
CA PHE B 337 2.51 -23.50 29.91
C PHE B 337 3.08 -23.76 28.51
N GLY B 338 3.81 -22.79 27.94
CA GLY B 338 4.34 -22.99 26.60
C GLY B 338 5.69 -22.41 26.25
N LYS B 339 6.30 -22.97 25.21
CA LYS B 339 7.59 -22.53 24.67
C LYS B 339 7.39 -22.44 23.15
N TYR B 340 7.81 -21.31 22.59
CA TYR B 340 7.65 -21.04 21.17
C TYR B 340 8.93 -20.53 20.51
N LYS B 341 9.08 -20.88 19.23
CA LYS B 341 10.23 -20.47 18.39
C LYS B 341 9.72 -20.23 16.96
N SER B 342 10.49 -19.47 16.18
CA SER B 342 10.12 -19.20 14.80
C SER B 342 11.28 -19.28 13.80
N ASP B 343 10.93 -19.53 12.55
CA ASP B 343 11.87 -19.63 11.44
C ASP B 343 11.25 -19.09 10.15
N TYR B 344 12.10 -18.79 9.17
CA TYR B 344 11.68 -18.31 7.87
C TYR B 344 12.37 -19.09 6.76
N VAL B 345 11.57 -19.60 5.83
CA VAL B 345 12.07 -20.38 4.70
C VAL B 345 12.03 -19.54 3.42
N LEU B 346 13.15 -19.56 2.70
CA LEU B 346 13.33 -18.80 1.45
C LEU B 346 13.41 -19.71 0.23
N GLU B 347 13.93 -20.93 0.43
CA GLU B 347 14.11 -21.94 -0.62
C GLU B 347 13.23 -23.16 -0.29
N PRO B 348 12.58 -23.79 -1.31
CA PRO B 348 11.73 -24.97 -1.08
C PRO B 348 12.49 -26.16 -0.45
N ILE B 349 11.87 -26.83 0.52
CA ILE B 349 12.48 -27.99 1.21
C ILE B 349 12.06 -29.23 0.39
N PRO B 350 13.03 -30.09 -0.02
CA PRO B 350 12.72 -31.30 -0.80
C PRO B 350 11.81 -32.30 -0.08
N LYS B 351 11.15 -33.16 -0.87
CA LYS B 351 10.21 -34.19 -0.40
C LYS B 351 10.83 -35.14 0.63
N SER B 352 12.07 -35.56 0.39
CA SER B 352 12.80 -36.47 1.28
C SER B 352 13.07 -35.90 2.66
N ASP B 353 13.42 -34.62 2.70
CA ASP B 353 13.70 -33.93 3.96
C ASP B 353 12.45 -33.64 4.79
N TRP B 354 11.30 -33.52 4.12
CA TRP B 354 10.03 -33.31 4.82
C TRP B 354 9.60 -34.59 5.55
N GLU B 355 10.16 -35.73 5.12
CA GLU B 355 9.87 -37.02 5.76
C GLU B 355 10.62 -37.06 7.08
N LYS B 356 11.85 -36.52 7.09
CA LYS B 356 12.69 -36.46 8.29
C LYS B 356 12.07 -35.48 9.32
N ILE B 357 11.57 -34.34 8.83
CA ILE B 357 10.95 -33.31 9.66
C ILE B 357 9.67 -33.82 10.36
N PHE B 358 8.93 -34.67 9.65
CA PHE B 358 7.70 -35.25 10.19
C PHE B 358 7.92 -36.28 11.31
N THR B 359 9.08 -36.96 11.31
CA THR B 359 9.40 -37.95 12.35
C THR B 359 9.63 -37.28 13.70
N TRP B 360 9.80 -35.95 13.67
CA TRP B 360 9.99 -35.12 14.85
C TRP B 360 8.66 -34.80 15.53
N LEU B 361 7.57 -34.92 14.78
CA LEU B 361 6.23 -34.64 15.28
C LEU B 361 5.60 -35.72 16.13
N VAL B 362 6.28 -36.87 16.24
CA VAL B 362 5.80 -37.99 17.05
C VAL B 362 6.73 -38.34 18.21
N LYS B 363 7.81 -37.56 18.37
CA LYS B 363 8.79 -37.76 19.44
C LYS B 363 8.22 -37.33 20.81
N PRO B 364 8.79 -37.83 21.94
CA PRO B 364 8.30 -37.44 23.27
C PRO B 364 8.38 -35.92 23.54
N GLY B 365 7.23 -35.33 23.89
CA GLY B 365 7.16 -33.91 24.17
C GLY B 365 7.01 -33.06 22.93
N ALA B 366 6.61 -33.69 21.82
CA ALA B 366 6.44 -33.00 20.55
C ALA B 366 5.30 -31.99 20.51
N GLY B 367 5.52 -30.95 19.71
CA GLY B 367 4.53 -29.91 19.56
C GLY B 367 3.91 -29.86 18.18
N VAL B 368 3.51 -28.66 17.78
CA VAL B 368 2.88 -28.40 16.50
C VAL B 368 3.72 -27.38 15.72
N MET B 369 3.65 -27.47 14.38
CA MET B 369 4.32 -26.54 13.49
C MET B 369 3.25 -25.81 12.71
N ILE B 370 3.14 -24.50 12.91
CA ILE B 370 2.16 -23.67 12.18
C ILE B 370 2.95 -22.95 11.09
N MET B 371 2.51 -23.15 9.84
CA MET B 371 3.16 -22.55 8.68
C MET B 371 2.25 -21.60 7.91
N ASP B 372 2.64 -20.33 7.88
CA ASP B 372 1.89 -19.26 7.20
C ASP B 372 2.58 -18.86 5.91
N PRO B 373 1.86 -18.91 4.76
CA PRO B 373 2.47 -18.53 3.49
C PRO B 373 2.57 -17.02 3.33
N TYR B 374 3.68 -16.56 2.76
CA TYR B 374 3.89 -15.15 2.52
C TYR B 374 3.55 -14.82 1.07
N GLY B 375 4.27 -13.88 0.44
CA GLY B 375 3.97 -13.47 -0.92
C GLY B 375 2.80 -12.49 -0.88
N GLY B 376 2.33 -12.06 -2.06
CA GLY B 376 1.21 -11.11 -2.13
C GLY B 376 1.49 -9.73 -1.57
N GLY B 377 0.54 -9.20 -0.78
CA GLY B 377 0.65 -7.88 -0.18
C GLY B 377 1.78 -7.62 0.79
N ILE B 378 2.12 -8.64 1.60
CA ILE B 378 3.20 -8.52 2.59
C ILE B 378 4.58 -8.40 1.90
N ALA B 379 4.69 -8.99 0.71
CA ALA B 379 5.93 -8.98 -0.06
C ALA B 379 6.12 -7.77 -0.98
N SER B 380 5.06 -6.97 -1.15
CA SER B 380 5.12 -5.79 -2.01
C SER B 380 5.70 -4.53 -1.34
N VAL B 381 6.03 -4.65 -0.06
CA VAL B 381 6.60 -3.54 0.71
C VAL B 381 8.12 -3.79 0.77
N PRO B 382 8.97 -2.74 0.53
CA PRO B 382 10.43 -2.92 0.58
C PRO B 382 10.90 -3.32 1.98
N GLU B 383 12.04 -3.99 2.03
CA GLU B 383 12.64 -4.48 3.27
C GLU B 383 12.85 -3.38 4.32
N SER B 384 13.26 -2.20 3.85
CA SER B 384 13.54 -1.07 4.72
C SER B 384 12.38 -0.11 5.04
N ALA B 385 11.21 -0.31 4.43
CA ALA B 385 10.05 0.58 4.64
C ALA B 385 9.48 0.59 6.06
N THR B 386 9.60 -0.55 6.76
CA THR B 386 9.17 -0.73 8.16
C THR B 386 10.31 -1.57 8.79
N PRO B 387 10.37 -1.68 10.14
CA PRO B 387 11.46 -2.49 10.70
C PRO B 387 11.28 -4.00 10.45
N PHE B 388 10.07 -4.39 10.06
CA PHE B 388 9.69 -5.78 9.73
C PHE B 388 10.39 -6.07 8.37
N PRO B 389 11.42 -6.93 8.37
CA PRO B 389 12.17 -7.26 7.17
C PRO B 389 11.84 -8.46 6.27
N ARG B 390 10.95 -9.35 6.68
CA ARG B 390 10.64 -10.52 5.86
C ARG B 390 9.56 -10.27 4.85
N ARG B 391 10.00 -9.71 3.73
CA ARG B 391 9.10 -9.35 2.65
C ARG B 391 9.37 -10.28 1.45
N SER B 392 9.88 -9.73 0.35
CA SER B 392 10.18 -10.50 -0.88
C SER B 392 11.26 -11.56 -0.69
N GLY B 393 11.03 -12.72 -1.29
CA GLY B 393 11.98 -13.82 -1.19
C GLY B 393 11.58 -14.85 -0.15
N VAL B 394 10.69 -14.45 0.75
CA VAL B 394 10.20 -15.33 1.81
C VAL B 394 9.00 -16.13 1.31
N LEU B 395 9.11 -17.44 1.41
CA LEU B 395 8.04 -18.34 1.01
C LEU B 395 7.07 -18.50 2.16
N PHE B 396 7.60 -18.88 3.33
CA PHE B 396 6.77 -19.05 4.52
C PHE B 396 7.45 -18.90 5.87
N ASN B 397 6.61 -18.72 6.88
CA ASN B 397 7.03 -18.61 8.27
C ASN B 397 6.65 -19.91 8.97
N ILE B 398 7.53 -20.39 9.85
CA ILE B 398 7.24 -21.58 10.63
C ILE B 398 7.23 -21.15 12.10
N GLN B 399 6.20 -21.57 12.82
CA GLN B 399 6.12 -21.29 14.26
C GLN B 399 6.09 -22.66 14.93
N TYR B 400 7.08 -22.93 15.78
CA TYR B 400 7.17 -24.17 16.53
C TYR B 400 6.50 -23.89 17.87
N VAL B 401 5.44 -24.62 18.17
CA VAL B 401 4.66 -24.45 19.40
C VAL B 401 4.46 -25.74 20.18
N VAL B 402 4.72 -25.70 21.49
CA VAL B 402 4.46 -26.83 22.38
C VAL B 402 3.75 -26.32 23.62
N TYR B 403 2.84 -27.13 24.13
CA TYR B 403 2.07 -26.84 25.34
C TYR B 403 2.14 -28.03 26.28
N TRP B 404 2.35 -27.75 27.57
CA TRP B 404 2.36 -28.79 28.60
C TRP B 404 1.45 -28.27 29.71
N PHE B 405 0.86 -29.17 30.50
CA PHE B 405 -0.08 -28.78 31.56
C PHE B 405 0.35 -29.07 33.00
N GLY B 406 1.67 -29.03 33.25
CA GLY B 406 2.19 -29.29 34.58
C GLY B 406 3.36 -28.41 35.00
N GLU B 407 3.51 -28.20 36.30
CA GLU B 407 4.58 -27.36 36.87
C GLU B 407 5.99 -27.96 36.71
N GLY B 408 6.09 -29.28 36.77
CA GLY B 408 7.38 -29.95 36.61
C GLY B 408 7.51 -30.75 35.33
N ALA B 409 6.62 -30.50 34.37
CA ALA B 409 6.62 -31.18 33.07
C ALA B 409 7.32 -30.34 32.00
N ALA B 410 8.18 -29.42 32.44
CA ALA B 410 8.89 -28.49 31.56
C ALA B 410 10.05 -28.97 30.69
N ALA B 411 10.90 -29.85 31.25
CA ALA B 411 12.09 -30.38 30.57
C ALA B 411 12.01 -30.93 29.14
N LEU B 412 11.19 -31.97 28.92
CA LEU B 412 11.07 -32.59 27.60
C LEU B 412 10.48 -31.75 26.45
N PRO B 413 9.40 -30.98 26.68
CA PRO B 413 8.84 -30.17 25.58
C PRO B 413 9.76 -29.02 25.13
N THR B 414 10.53 -28.47 26.08
CA THR B 414 11.45 -27.38 25.79
C THR B 414 12.70 -27.87 25.06
N GLN B 415 13.13 -29.09 25.42
CA GLN B 415 14.30 -29.71 24.80
C GLN B 415 13.95 -30.05 23.34
N TRP B 416 12.67 -30.36 23.10
CA TRP B 416 12.17 -30.67 21.77
C TRP B 416 12.28 -29.43 20.88
N THR B 417 11.85 -28.27 21.39
CA THR B 417 11.92 -27.01 20.62
C THR B 417 13.35 -26.67 20.25
N ARG B 418 14.26 -26.89 21.19
CA ARG B 418 15.68 -26.63 21.01
C ARG B 418 16.32 -27.62 20.04
N ASP B 419 15.92 -28.90 20.13
CA ASP B 419 16.45 -29.94 19.26
C ASP B 419 15.91 -29.87 17.82
N ILE B 420 14.63 -29.54 17.66
CA ILE B 420 14.06 -29.41 16.30
C ILE B 420 14.63 -28.15 15.62
N TYR B 421 14.96 -27.13 16.43
CA TYR B 421 15.53 -25.88 15.91
C TYR B 421 16.90 -26.16 15.27
N ASP B 422 17.76 -26.91 16.00
CA ASP B 422 19.11 -27.28 15.55
C ASP B 422 19.06 -28.14 14.30
N PHE B 423 18.03 -28.99 14.24
CA PHE B 423 17.79 -29.88 13.11
C PHE B 423 17.36 -29.11 11.85
N MET B 424 16.57 -28.06 12.04
CA MET B 424 16.04 -27.25 10.94
C MET B 424 17.03 -26.25 10.32
N THR B 425 18.22 -26.15 10.91
CA THR B 425 19.28 -25.23 10.46
C THR B 425 19.62 -25.23 8.96
N PRO B 426 19.75 -26.42 8.28
CA PRO B 426 20.07 -26.33 6.85
C PRO B 426 18.91 -26.04 5.90
N TYR B 427 17.69 -26.02 6.45
CA TYR B 427 16.47 -25.81 5.67
C TYR B 427 15.94 -24.38 5.70
N VAL B 428 16.32 -23.64 6.74
CA VAL B 428 15.84 -22.28 6.92
C VAL B 428 16.84 -21.19 6.51
N SER B 429 16.44 -19.93 6.69
CA SER B 429 17.26 -18.77 6.36
C SER B 429 18.57 -18.76 7.13
N LYS B 430 19.61 -18.25 6.46
CA LYS B 430 20.96 -18.16 7.02
C LYS B 430 21.51 -16.78 6.79
N ASN B 431 22.42 -16.38 7.68
CA ASN B 431 23.13 -15.10 7.66
C ASN B 431 22.25 -13.84 7.40
N PRO B 432 21.36 -13.49 8.34
CA PRO B 432 21.04 -14.12 9.64
C PRO B 432 19.89 -15.14 9.59
N ARG B 433 19.77 -15.93 10.64
CA ARG B 433 18.68 -16.89 10.74
C ARG B 433 17.50 -16.06 11.25
N GLN B 434 16.66 -15.63 10.30
CA GLN B 434 15.49 -14.79 10.55
C GLN B 434 14.44 -15.39 11.49
N ALA B 435 13.95 -14.57 12.41
CA ALA B 435 12.92 -14.94 13.39
C ALA B 435 12.02 -13.74 13.57
N TYR B 436 10.78 -13.97 14.02
CA TYR B 436 9.79 -12.89 14.21
C TYR B 436 9.78 -12.39 15.65
N VAL B 437 9.86 -11.06 15.81
CA VAL B 437 9.89 -10.41 17.13
C VAL B 437 8.69 -10.69 18.05
N ASN B 438 7.50 -10.83 17.48
CA ASN B 438 6.31 -11.13 18.27
C ASN B 438 6.29 -12.59 18.70
N TYR B 439 7.12 -13.41 18.06
CA TYR B 439 7.28 -14.81 18.43
C TYR B 439 8.59 -14.84 19.22
N ARG B 440 8.63 -13.97 20.24
CA ARG B 440 9.77 -13.76 21.12
C ARG B 440 10.37 -15.01 21.76
N ASP B 441 11.68 -15.13 21.56
CA ASP B 441 12.45 -16.26 22.05
C ASP B 441 13.79 -15.73 22.56
N LEU B 442 14.02 -15.92 23.87
CA LEU B 442 15.26 -15.47 24.51
C LEU B 442 16.49 -16.33 24.20
N ASP B 443 16.25 -17.55 23.68
CA ASP B 443 17.32 -18.49 23.31
C ASP B 443 18.18 -17.92 22.16
N LEU B 444 17.62 -16.96 21.44
CA LEU B 444 18.27 -16.29 20.30
C LEU B 444 19.33 -15.29 20.73
N GLY B 445 19.31 -14.95 22.02
CA GLY B 445 20.27 -14.01 22.58
C GLY B 445 19.61 -12.97 23.45
N VAL B 446 20.34 -12.52 24.47
CA VAL B 446 19.85 -11.49 25.39
C VAL B 446 20.84 -10.34 25.44
N ASN B 447 20.39 -9.20 25.97
CA ASN B 447 21.24 -8.02 26.09
C ASN B 447 22.18 -8.09 27.28
N GLN B 448 23.39 -7.58 27.07
CA GLN B 448 24.41 -7.49 28.11
C GLN B 448 24.34 -6.03 28.51
N VAL B 449 24.35 -5.77 29.82
CA VAL B 449 24.28 -4.40 30.33
C VAL B 449 25.64 -4.00 30.87
N VAL B 450 26.06 -2.78 30.50
CA VAL B 450 27.33 -2.20 30.91
C VAL B 450 27.04 -0.74 31.30
N GLY B 451 27.31 -0.39 32.56
CA GLY B 451 27.08 0.96 33.08
C GLY B 451 25.66 1.50 32.89
N ASN B 452 24.67 0.66 33.21
CA ASN B 452 23.22 0.97 33.12
C ASN B 452 22.63 1.05 31.70
N VAL B 453 23.47 0.86 30.69
CA VAL B 453 23.05 0.93 29.28
C VAL B 453 23.35 -0.40 28.57
N SER B 454 22.37 -0.87 27.77
CA SER B 454 22.49 -2.10 26.98
C SER B 454 23.46 -1.86 25.81
N THR B 455 24.38 -2.79 25.58
CA THR B 455 25.37 -2.65 24.51
C THR B 455 24.87 -2.96 23.11
N TYR B 456 25.39 -2.20 22.15
CA TYR B 456 25.06 -2.32 20.73
C TYR B 456 25.42 -3.69 20.14
N ALA B 457 26.59 -4.20 20.53
CA ALA B 457 27.10 -5.50 20.07
C ALA B 457 26.27 -6.70 20.51
N SER B 458 25.83 -6.68 21.77
CA SER B 458 25.00 -7.75 22.33
C SER B 458 23.60 -7.70 21.74
N GLY B 459 23.12 -6.47 21.49
CA GLY B 459 21.81 -6.28 20.91
C GLY B 459 21.76 -6.72 19.46
N LYS B 460 22.90 -6.68 18.79
CA LYS B 460 23.05 -7.06 17.38
C LYS B 460 22.85 -8.54 17.12
N VAL B 461 23.29 -9.38 18.08
CA VAL B 461 23.19 -10.85 18.02
C VAL B 461 21.76 -11.33 17.70
N TRP B 462 20.81 -10.99 18.58
CA TRP B 462 19.41 -11.36 18.39
C TRP B 462 18.73 -10.36 17.43
N GLY B 463 19.23 -9.13 17.45
CA GLY B 463 18.69 -8.05 16.64
C GLY B 463 18.67 -8.24 15.15
N GLU B 464 19.76 -8.78 14.59
CA GLU B 464 19.81 -9.04 13.16
C GLU B 464 18.89 -10.18 12.75
N LYS B 465 18.56 -11.06 13.70
CA LYS B 465 17.67 -12.19 13.44
C LYS B 465 16.23 -11.71 13.27
N TYR B 466 15.82 -10.76 14.12
CA TYR B 466 14.48 -10.20 14.06
C TYR B 466 14.32 -9.09 13.03
N PHE B 467 15.34 -8.24 12.91
CA PHE B 467 15.27 -7.07 12.04
C PHE B 467 16.17 -6.92 10.83
N LYS B 468 17.12 -7.85 10.65
CA LYS B 468 18.11 -7.84 9.54
C LYS B 468 18.91 -6.54 9.47
N GLY B 469 18.98 -5.91 8.30
CA GLY B 469 19.72 -4.66 8.13
C GLY B 469 19.07 -3.47 8.82
N ASN B 470 17.78 -3.59 9.12
CA ASN B 470 16.98 -2.56 9.79
C ASN B 470 17.40 -2.31 11.23
N PHE B 471 18.15 -3.25 11.81
CA PHE B 471 18.64 -3.14 13.18
C PHE B 471 19.42 -1.83 13.42
N GLU B 472 20.22 -1.45 12.43
CA GLU B 472 21.05 -0.23 12.49
C GLU B 472 20.27 1.05 12.67
N ARG B 473 19.17 1.18 11.91
CA ARG B 473 18.32 2.36 11.97
C ARG B 473 17.53 2.39 13.28
N LEU B 474 17.13 1.20 13.76
CA LEU B 474 16.41 1.07 15.04
C LEU B 474 17.30 1.52 16.20
N ALA B 475 18.56 1.09 16.16
CA ALA B 475 19.56 1.42 17.19
C ALA B 475 19.90 2.91 17.19
N ARG B 476 19.98 3.50 16.00
CA ARG B 476 20.27 4.92 15.79
C ARG B 476 19.12 5.76 16.36
N THR B 477 17.90 5.34 16.04
CA THR B 477 16.67 5.99 16.49
C THR B 477 16.57 5.93 18.02
N LYS B 478 16.94 4.79 18.59
CA LYS B 478 16.92 4.57 20.05
C LYS B 478 17.90 5.51 20.75
N GLY B 479 19.04 5.78 20.10
CA GLY B 479 20.06 6.67 20.66
C GLY B 479 19.61 8.13 20.73
N LYS B 480 18.76 8.51 19.78
CA LYS B 480 18.23 9.87 19.70
C LYS B 480 17.06 10.11 20.67
N ILE B 481 16.21 9.11 20.85
CA ILE B 481 15.03 9.25 21.71
C ILE B 481 15.17 8.76 23.15
N ASP B 482 16.08 7.81 23.38
CA ASP B 482 16.30 7.24 24.72
C ASP B 482 17.79 6.86 24.87
N PRO B 483 18.70 7.88 24.94
CA PRO B 483 20.15 7.61 25.09
C PRO B 483 20.57 6.93 26.38
N GLU B 484 19.84 7.20 27.46
CA GLU B 484 20.13 6.66 28.79
C GLU B 484 19.52 5.28 29.03
N ASP B 485 18.92 4.72 27.99
CA ASP B 485 18.29 3.38 27.99
C ASP B 485 17.27 3.15 29.12
N TYR B 486 16.31 4.06 29.25
CA TYR B 486 15.26 3.96 30.28
C TYR B 486 14.31 2.80 29.96
N PHE B 487 13.74 2.79 28.75
CA PHE B 487 12.83 1.73 28.30
C PHE B 487 13.68 0.53 27.89
N ARG B 488 13.89 -0.35 28.85
CA ARG B 488 14.75 -1.51 28.68
C ARG B 488 14.23 -2.83 29.22
N ASN B 489 14.50 -3.88 28.47
CA ASN B 489 14.21 -5.26 28.87
C ASN B 489 15.34 -6.13 28.31
N GLU B 490 15.21 -7.45 28.44
CA GLU B 490 16.22 -8.40 27.98
C GLU B 490 16.46 -8.45 26.47
N GLN B 491 15.45 -8.02 25.71
CA GLN B 491 15.53 -7.99 24.26
C GLN B 491 14.97 -6.67 23.68
N SER B 492 15.48 -5.57 24.22
CA SER B 492 15.08 -4.25 23.78
C SER B 492 16.21 -3.70 22.93
N ILE B 493 15.86 -2.84 21.96
CA ILE B 493 16.83 -2.23 21.07
C ILE B 493 17.85 -1.36 21.84
N PRO B 494 19.15 -1.69 21.73
CA PRO B 494 20.18 -0.91 22.44
C PRO B 494 20.46 0.43 21.78
N PRO B 495 20.78 1.47 22.59
CA PRO B 495 21.05 2.76 21.98
C PRO B 495 22.43 2.88 21.34
N LEU B 496 22.43 3.32 20.08
CA LEU B 496 23.69 3.54 19.37
C LEU B 496 23.82 5.04 19.26
N LEU B 497 24.73 5.58 20.07
CA LEU B 497 25.02 7.01 20.11
C LEU B 497 26.24 7.33 19.26
C1 NAG C . -27.36 -3.24 -19.22
C2 NAG C . -28.64 -4.01 -19.58
C3 NAG C . -28.75 -5.27 -18.72
C4 NAG C . -27.49 -6.11 -18.90
C5 NAG C . -26.26 -5.26 -18.55
C6 NAG C . -24.93 -6.00 -18.76
C7 NAG C . -30.45 -2.63 -20.41
C8 NAG C . -31.72 -1.87 -20.11
N2 NAG C . -29.80 -3.15 -19.37
O3 NAG C . -29.90 -6.02 -19.08
O4 NAG C . -27.55 -7.26 -18.03
O5 NAG C . -26.21 -4.08 -19.38
O6 NAG C . -24.78 -6.41 -20.11
O7 NAG C . -30.05 -2.74 -21.59
C1 NAG C . -27.03 -8.43 -18.54
C2 NAG C . -26.88 -9.46 -17.40
C3 NAG C . -26.47 -10.83 -17.96
C4 NAG C . -27.36 -11.25 -19.13
C5 NAG C . -27.45 -10.13 -20.17
C6 NAG C . -28.39 -10.46 -21.31
C7 NAG C . -26.17 -8.38 -15.34
C8 NAG C . -25.34 -8.72 -14.10
N2 NAG C . -25.84 -8.99 -16.48
O3 NAG C . -26.58 -11.80 -16.93
O4 NAG C . -26.84 -12.43 -19.73
O5 NAG C . -27.93 -8.92 -19.54
O6 NAG C . -28.45 -9.39 -22.25
O7 NAG C . -27.09 -7.56 -15.24
C1 NAG D . -6.09 13.69 30.12
C2 NAG D . -6.10 14.74 31.23
C3 NAG D . -5.83 16.10 30.59
C4 NAG D . -4.50 16.09 29.81
C5 NAG D . -4.40 14.86 28.89
C6 NAG D . -2.99 14.67 28.38
C7 NAG D . -7.42 14.54 33.24
C8 NAG D . -8.79 14.42 33.86
N2 NAG D . -7.37 14.74 31.92
O3 NAG D . -5.78 17.10 31.59
O4 NAG D . -4.41 17.29 29.01
O5 NAG D . -4.76 13.63 29.58
O6 NAG D . -3.00 13.96 27.14
O7 NAG D . -6.41 14.46 33.95
C1 NAG D . -3.17 17.89 28.87
C2 NAG D . -3.12 18.65 27.53
C3 NAG D . -1.88 19.55 27.43
C4 NAG D . -1.78 20.45 28.65
C5 NAG D . -1.77 19.55 29.90
C6 NAG D . -1.65 20.34 31.19
C7 NAG D . -4.04 17.70 25.50
C8 NAG D . -3.80 16.82 24.27
N2 NAG D . -3.09 17.69 26.44
O3 NAG D . -1.96 20.34 26.25
O4 NAG D . -0.58 21.22 28.58
O5 NAG D . -3.00 18.81 29.97
O6 NAG D . -1.87 19.51 32.32
O7 NAG D . -5.07 18.36 25.59
PA FAD E . -8.52 9.83 -23.83
O1A FAD E . -7.89 10.58 -24.91
O2A FAD E . -10.01 9.70 -23.86
O5B FAD E . -7.87 8.42 -23.61
C5B FAD E . -6.48 8.21 -23.61
C4B FAD E . -6.06 6.81 -24.12
O4B FAD E . -6.62 5.69 -23.39
C3B FAD E . -6.38 6.41 -25.57
O3B FAD E . -5.47 5.52 -26.21
C2B FAD E . -7.81 5.85 -25.42
O2B FAD E . -8.29 5.04 -26.46
C1B FAD E . -7.71 5.09 -24.07
N9A FAD E . -8.96 5.04 -23.29
C8A FAD E . -9.86 6.01 -22.93
N7A FAD E . -10.87 5.55 -22.22
C5A FAD E . -10.62 4.19 -22.12
C6A FAD E . -11.33 3.10 -21.46
N6A FAD E . -12.46 3.28 -20.82
N1A FAD E . -10.80 1.80 -21.55
C2A FAD E . -9.63 1.62 -22.22
N3A FAD E . -8.90 2.57 -22.85
C4A FAD E . -9.47 3.88 -22.75
N1 FAD E . -1.44 12.80 -16.41
C2 FAD E . -1.00 12.60 -15.11
O2 FAD E . -0.54 11.52 -14.71
N3 FAD E . -1.08 13.64 -14.18
C4 FAD E . -1.60 14.91 -14.47
O4 FAD E . -1.63 15.77 -13.57
C4X FAD E . -2.05 15.10 -15.79
N5 FAD E . -2.59 16.35 -16.12
C5X FAD E . -3.09 16.55 -17.40
C6 FAD E . -3.69 17.84 -17.67
C7 FAD E . -4.24 18.11 -18.92
C7M FAD E . -4.86 19.52 -19.12
C8 FAD E . -4.19 17.09 -20.00
C8M FAD E . -4.83 17.36 -21.34
C9 FAD E . -3.58 15.81 -19.72
C9A FAD E . -3.03 15.51 -18.46
N10 FAD E . -2.43 14.21 -18.11
C10 FAD E . -1.96 14.03 -16.76
C1' FAD E . -2.07 13.20 -19.19
C2' FAD E . -3.02 12.13 -19.93
O2' FAD E . -3.57 12.66 -21.13
C3' FAD E . -4.06 11.62 -18.98
O3' FAD E . -3.43 11.20 -17.81
C4' FAD E . -4.98 10.51 -19.71
O4' FAD E . -4.26 9.74 -20.67
C5' FAD E . -6.13 11.14 -20.40
O5' FAD E . -7.22 10.25 -20.27
P FAD E . -8.54 10.58 -21.02
O1P FAD E . -9.49 9.53 -20.72
O2P FAD E . -8.92 11.99 -20.70
O3P FAD E . -8.11 10.53 -22.51
C1 NAG F . 9.09 35.96 4.78
C2 NAG F . 10.12 36.99 5.31
C3 NAG F . 9.91 38.34 4.60
C4 NAG F . 9.84 38.19 3.08
C5 NAG F . 8.88 37.06 2.66
C6 NAG F . 8.97 36.73 1.19
C7 NAG F . 10.89 37.72 7.49
C8 NAG F . 11.91 36.81 8.17
N2 NAG F . 9.95 37.14 6.74
O3 NAG F . 10.97 39.24 4.92
O4 NAG F . 9.39 39.42 2.50
O5 NAG F . 9.22 35.84 3.36
O6 NAG F . 7.76 37.05 0.52
O7 NAG F . 10.99 38.95 7.62
PA FAD G . 2.42 -7.82 25.97
O1A FAD G . 3.05 -8.95 26.66
O2A FAD G . 1.58 -6.88 26.77
O5B FAD G . 3.46 -7.00 25.13
C5B FAD G . 4.48 -7.60 24.36
C4B FAD G . 5.72 -6.70 24.25
O4B FAD G . 5.47 -5.36 23.75
C3B FAD G . 6.54 -6.41 25.53
O3B FAD G . 7.92 -6.19 25.38
C2B FAD G . 5.76 -5.19 26.08
O2B FAD G . 6.40 -4.44 27.09
C1B FAD G . 5.48 -4.38 24.80
N9A FAD G . 4.27 -3.54 24.86
C8A FAD G . 3.00 -3.82 25.25
N7A FAD G . 2.18 -2.79 25.16
C5A FAD G . 2.98 -1.77 24.69
C6A FAD G . 2.72 -0.37 24.37
N6A FAD G . 1.53 0.17 24.52
N1A FAD G . 3.77 0.41 23.89
C2A FAD G . 5.01 -0.16 23.75
N3A FAD G . 5.34 -1.44 24.03
C4A FAD G . 4.24 -2.21 24.50
N1 FAD G . 1.45 -12.73 16.55
C2 FAD G . 1.13 -12.61 15.20
O2 FAD G . 1.75 -11.90 14.41
N3 FAD G . 0.03 -13.32 14.69
C4 FAD G . -0.79 -14.17 15.44
O4 FAD G . -1.75 -14.74 14.88
C4X FAD G . -0.46 -14.28 16.82
N5 FAD G . -1.28 -15.09 17.62
C5X FAD G . -1.01 -15.20 18.99
C6 FAD G . -1.92 -15.99 19.77
C7 FAD G . -1.74 -16.12 21.14
C7M FAD G . -2.77 -17.00 21.91
C8 FAD G . -0.60 -15.42 21.81
C8M FAD G . -0.44 -15.52 23.31
C9 FAD G . 0.30 -14.64 21.01
C9A FAD G . 0.13 -14.49 19.63
N10 FAD G . 1.02 -13.66 18.77
C10 FAD G . 0.67 -13.55 17.36
C1' FAD G . 2.37 -13.18 19.27
C2' FAD G . 2.72 -11.91 20.17
O2' FAD G . 2.79 -12.26 21.57
C3' FAD G . 1.78 -10.79 19.87
O3' FAD G . 1.75 -10.58 18.48
C4' FAD G . 2.14 -9.49 20.75
O4' FAD G . 3.55 -9.30 20.92
C5' FAD G . 1.52 -9.55 22.10
O5' FAD G . 1.14 -8.24 22.45
P FAD G . 0.43 -7.99 23.83
O1P FAD G . 0.15 -6.58 23.92
O2P FAD G . -0.71 -8.96 23.95
O3P FAD G . 1.52 -8.43 24.85
C1 NAG H . -15.61 -33.93 -2.50
C2 NAG H . -16.04 -35.09 -3.43
C3 NAG H . -16.44 -36.35 -2.62
C4 NAG H . -15.44 -36.68 -1.52
C5 NAG H . -15.12 -35.42 -0.69
C6 NAG H . -14.05 -35.67 0.38
C7 NAG H . -18.40 -34.52 -3.85
C8 NAG H . -19.37 -35.65 -4.19
N2 NAG H . -17.14 -34.66 -4.30
O3 NAG H . -16.55 -37.47 -3.50
O4 NAG H . -15.98 -37.70 -0.66
O5 NAG H . -14.63 -34.37 -1.56
O6 NAG H . -12.79 -35.11 0.04
O7 NAG H . -18.78 -33.53 -3.20
#